data_6VJ2
#
_entry.id   6VJ2
#
_cell.length_a   81.513
_cell.length_b   117.609
_cell.length_c   149.310
_cell.angle_alpha   90.000
_cell.angle_beta   90.000
_cell.angle_gamma   90.000
#
_symmetry.space_group_name_H-M   'P 21 21 21'
#
loop_
_entity.id
_entity.type
_entity.pdbx_description
1 polymer Foldase
2 water water
#
_entity_poly.entity_id   1
_entity_poly.type   'polypeptide(L)'
_entity_poly.pdbx_seq_one_letter_code
;SNASDSASKDIIT(MSE)KGDTIRVSDLYKEAKQFPSQPTNTLLQNLTFDKIFTKDFGKEVTDKDVSKKVKSIKDQYGSQ
FSSALQQQGLTEASFTPY(MSE)RTQ(MSE)LEQAAIDHEIKETQYTDANLKKAWESYHPDVTAYVVSETSKDAATKALD
AAKKDDAGKASFEKTNAESKVTFNSTSTSVPTEVQTAAFKLKNGEFSDVIESTSSSTGATSYYIVE(MSE)VKTSEKGTD
(MSE)NKYKKELQNVIKTEKEQDTTFVSGVIAKYLKKNNVTVKESAFASLFSQFTQTSSSSSSK
;
_entity_poly.pdbx_strand_id   A,B,C,D
#
# COMPACT_ATOMS: atom_id res chain seq x y z
N ALA A 7 -16.81 2.54 -31.59
CA ALA A 7 -17.76 2.66 -30.44
C ALA A 7 -17.24 3.73 -29.46
N SER A 8 -18.08 4.74 -29.17
CA SER A 8 -17.73 5.87 -28.24
C SER A 8 -18.66 5.88 -27.02
N LYS A 9 -18.11 6.05 -25.80
CA LYS A 9 -18.99 6.06 -24.59
C LYS A 9 -18.45 7.01 -23.50
N ASP A 10 -19.40 7.74 -22.90
CA ASP A 10 -19.11 8.72 -21.81
C ASP A 10 -19.00 7.98 -20.48
N ILE A 11 -17.97 8.29 -19.69
CA ILE A 11 -17.74 7.66 -18.35
C ILE A 11 -18.40 8.53 -17.28
N ILE A 12 -18.11 9.84 -17.31
CA ILE A 12 -18.66 10.80 -16.33
C ILE A 12 -19.32 11.95 -17.08
N THR A 13 -20.48 12.38 -16.59
CA THR A 13 -21.28 13.48 -17.19
C THR A 13 -21.36 14.64 -16.22
N LYS A 15 -22.16 19.39 -16.29
CA LYS A 15 -22.69 20.49 -17.06
C LYS A 15 -21.64 21.05 -18.03
N GLY A 16 -22.01 21.14 -19.31
CA GLY A 16 -21.16 21.70 -20.38
C GLY A 16 -19.89 20.91 -20.67
N ASP A 17 -19.77 19.67 -20.18
CA ASP A 17 -18.53 18.88 -20.48
C ASP A 17 -18.77 17.40 -20.13
N THR A 18 -17.81 16.52 -20.43
CA THR A 18 -17.94 15.07 -20.14
C THR A 18 -16.59 14.37 -20.25
N ILE A 19 -16.35 13.35 -19.41
CA ILE A 19 -15.08 12.55 -19.44
C ILE A 19 -15.30 11.28 -20.27
N ARG A 20 -14.54 11.14 -21.36
CA ARG A 20 -14.65 9.97 -22.25
C ARG A 20 -13.47 9.02 -22.01
N VAL A 21 -13.48 7.85 -22.65
CA VAL A 21 -12.36 6.87 -22.47
C VAL A 21 -11.04 7.50 -22.95
N SER A 22 -11.07 8.21 -24.09
CA SER A 22 -9.85 8.86 -24.62
C SER A 22 -9.25 9.78 -23.56
N ASP A 23 -10.11 10.57 -22.90
CA ASP A 23 -9.70 11.51 -21.83
C ASP A 23 -9.03 10.73 -20.70
N LEU A 24 -9.54 9.53 -20.38
CA LEU A 24 -8.94 8.71 -19.29
C LEU A 24 -7.56 8.21 -19.75
N TYR A 25 -7.49 7.62 -20.95
CA TYR A 25 -6.21 7.08 -21.46
C TYR A 25 -5.14 8.18 -21.48
N LYS A 26 -5.52 9.44 -21.72
CA LYS A 26 -4.54 10.55 -21.75
C LYS A 26 -3.94 10.72 -20.35
N GLU A 27 -4.78 10.60 -19.31
CA GLU A 27 -4.29 10.72 -17.90
C GLU A 27 -3.48 9.47 -17.55
N ALA A 28 -3.92 8.31 -18.02
CA ALA A 28 -3.21 7.04 -17.75
C ALA A 28 -1.76 7.14 -18.23
N LYS A 29 -1.56 7.72 -19.42
CA LYS A 29 -0.19 7.86 -19.99
C LYS A 29 0.64 8.86 -19.19
N GLN A 30 -0.01 9.83 -18.54
CA GLN A 30 0.74 10.85 -17.77
C GLN A 30 1.04 10.34 -16.36
N PHE A 31 0.23 9.41 -15.84
CA PHE A 31 0.46 8.88 -14.47
C PHE A 31 0.24 7.37 -14.47
N PRO A 32 1.12 6.60 -15.15
CA PRO A 32 0.99 5.14 -15.18
C PRO A 32 0.99 4.47 -13.79
N SER A 33 1.56 5.14 -12.78
CA SER A 33 1.64 4.65 -11.38
C SER A 33 0.30 4.81 -10.65
N GLN A 34 -0.49 5.83 -11.01
CA GLN A 34 -1.78 6.11 -10.34
C GLN A 34 -2.88 5.17 -10.84
N PRO A 35 -3.81 4.75 -9.95
CA PRO A 35 -4.91 3.88 -10.34
C PRO A 35 -6.03 4.62 -11.09
N THR A 36 -6.84 3.86 -11.83
CA THR A 36 -7.96 4.41 -12.65
C THR A 36 -8.82 5.38 -11.81
N ASN A 37 -9.21 4.96 -10.60
CA ASN A 37 -10.05 5.82 -9.73
C ASN A 37 -9.44 7.21 -9.59
N THR A 38 -8.17 7.27 -9.18
CA THR A 38 -7.48 8.58 -8.99
C THR A 38 -7.49 9.39 -10.31
N LEU A 39 -7.15 8.74 -11.43
CA LEU A 39 -7.11 9.44 -12.73
C LEU A 39 -8.45 10.11 -13.01
N LEU A 40 -9.54 9.42 -12.69
CA LEU A 40 -10.91 9.95 -12.92
C LEU A 40 -11.20 11.10 -11.95
N GLN A 41 -10.98 10.88 -10.65
CA GLN A 41 -11.25 11.92 -9.61
C GLN A 41 -10.51 13.21 -9.98
N ASN A 42 -9.20 13.14 -10.19
CA ASN A 42 -8.36 14.32 -10.52
C ASN A 42 -8.83 14.97 -11.82
N LEU A 43 -9.14 14.15 -12.83
CA LEU A 43 -9.60 14.69 -14.13
C LEU A 43 -10.94 15.41 -13.96
N THR A 44 -11.76 14.95 -13.01
CA THR A 44 -13.08 15.59 -12.75
C THR A 44 -12.83 16.92 -12.03
N PHE A 45 -12.04 16.90 -10.96
CA PHE A 45 -11.74 18.13 -10.18
C PHE A 45 -11.14 19.18 -11.12
N ASP A 46 -10.17 18.76 -11.93
CA ASP A 46 -9.51 19.68 -12.89
C ASP A 46 -10.58 20.41 -13.70
N LYS A 47 -11.56 19.68 -14.25
CA LYS A 47 -12.62 20.30 -15.09
C LYS A 47 -13.55 21.22 -14.28
N ILE A 48 -14.15 20.71 -13.19
CA ILE A 48 -15.12 21.53 -12.39
C ILE A 48 -14.45 22.77 -11.79
N PHE A 49 -13.17 22.69 -11.39
CA PHE A 49 -12.50 23.86 -10.75
C PHE A 49 -11.91 24.78 -11.82
N THR A 50 -11.68 24.27 -13.03
CA THR A 50 -11.16 25.14 -14.13
C THR A 50 -12.30 26.02 -14.64
N LYS A 51 -13.53 25.51 -14.51
CA LYS A 51 -14.75 26.23 -14.97
C LYS A 51 -14.98 27.50 -14.13
N ASP A 52 -14.48 27.54 -12.89
CA ASP A 52 -14.69 28.71 -12.00
C ASP A 52 -13.39 29.40 -11.57
N PHE A 53 -12.23 28.74 -11.69
CA PHE A 53 -10.98 29.42 -11.23
C PHE A 53 -9.84 29.27 -12.25
N GLY A 54 -10.17 28.84 -13.48
CA GLY A 54 -9.16 28.65 -14.55
C GLY A 54 -8.42 29.92 -14.91
N LYS A 55 -9.14 31.04 -15.08
CA LYS A 55 -8.53 32.34 -15.46
C LYS A 55 -7.61 32.85 -14.34
N GLU A 56 -7.79 32.35 -13.11
CA GLU A 56 -6.98 32.80 -11.94
C GLU A 56 -5.71 31.95 -11.80
N VAL A 57 -5.63 30.80 -12.47
CA VAL A 57 -4.44 29.90 -12.38
C VAL A 57 -3.91 29.61 -13.79
N THR A 58 -3.21 30.58 -14.40
CA THR A 58 -2.64 30.42 -15.75
C THR A 58 -1.41 29.50 -15.68
N ASP A 59 -0.91 29.05 -16.85
CA ASP A 59 0.27 28.16 -16.90
C ASP A 59 1.48 28.86 -16.27
N LYS A 60 1.53 30.21 -16.37
CA LYS A 60 2.66 30.97 -15.77
C LYS A 60 2.52 30.95 -14.24
N ASP A 61 1.30 31.08 -13.74
CA ASP A 61 1.06 31.06 -12.26
C ASP A 61 1.52 29.70 -11.71
N VAL A 62 1.24 28.63 -12.44
CA VAL A 62 1.61 27.23 -12.05
C VAL A 62 3.14 27.07 -12.10
N SER A 63 3.74 27.28 -13.28
CA SER A 63 5.21 27.12 -13.44
C SER A 63 5.97 28.04 -12.47
N LYS A 64 5.38 29.17 -12.07
CA LYS A 64 6.06 30.11 -11.15
C LYS A 64 6.10 29.51 -9.74
N LYS A 65 4.98 28.97 -9.26
CA LYS A 65 4.92 28.38 -7.89
C LYS A 65 5.79 27.12 -7.86
N VAL A 66 5.72 26.30 -8.93
CA VAL A 66 6.52 25.06 -9.01
C VAL A 66 8.00 25.41 -8.84
N LYS A 67 8.49 26.41 -9.59
CA LYS A 67 9.91 26.79 -9.49
C LYS A 67 10.23 27.25 -8.06
N SER A 68 9.39 28.10 -7.45
CA SER A 68 9.67 28.59 -6.08
C SER A 68 9.78 27.42 -5.09
N ILE A 69 9.04 26.33 -5.33
CA ILE A 69 9.08 25.13 -4.43
C ILE A 69 10.35 24.34 -4.73
N LYS A 70 10.63 24.09 -6.01
CA LYS A 70 11.85 23.36 -6.43
C LYS A 70 13.08 24.03 -5.80
N ASP A 71 13.11 25.37 -5.81
CA ASP A 71 14.25 26.15 -5.27
C ASP A 71 14.38 25.94 -3.77
N GLN A 72 13.26 25.84 -3.04
CA GLN A 72 13.35 25.65 -1.57
C GLN A 72 13.84 24.23 -1.25
N TYR A 73 13.20 23.20 -1.80
CA TYR A 73 13.65 21.80 -1.54
C TYR A 73 15.12 21.64 -1.96
N GLY A 74 15.53 22.34 -3.02
CA GLY A 74 16.91 22.24 -3.50
C GLY A 74 17.23 20.84 -4.03
N SER A 75 18.31 20.24 -3.52
CA SER A 75 18.76 18.89 -3.92
C SER A 75 17.76 17.79 -3.53
N GLN A 76 16.95 18.04 -2.49
CA GLN A 76 15.96 17.04 -2.01
C GLN A 76 14.76 16.92 -2.94
N PHE A 77 14.51 17.95 -3.76
CA PHE A 77 13.31 18.00 -4.66
C PHE A 77 13.13 16.67 -5.42
N SER A 78 14.21 16.09 -5.96
CA SER A 78 14.09 14.80 -6.70
C SER A 78 13.45 13.72 -5.81
N SER A 79 14.05 13.45 -4.64
CA SER A 79 13.55 12.42 -3.68
C SER A 79 12.22 12.85 -3.06
N ALA A 80 11.89 14.14 -3.10
CA ALA A 80 10.59 14.63 -2.54
C ALA A 80 9.45 14.25 -3.51
N LEU A 81 9.74 14.26 -4.81
CA LEU A 81 8.74 13.86 -5.86
C LEU A 81 8.56 12.33 -5.88
N GLN A 82 9.63 11.59 -5.58
CA GLN A 82 9.54 10.10 -5.57
C GLN A 82 8.62 9.67 -4.43
N GLN A 83 8.76 10.29 -3.24
CA GLN A 83 7.91 9.96 -2.07
C GLN A 83 6.43 10.14 -2.45
N GLN A 84 6.12 11.04 -3.39
CA GLN A 84 4.73 11.30 -3.81
C GLN A 84 4.37 10.45 -5.04
N GLY A 85 5.38 9.82 -5.67
CA GLY A 85 5.16 8.99 -6.87
C GLY A 85 4.98 9.85 -8.11
N LEU A 86 5.75 10.95 -8.21
CA LEU A 86 5.68 11.89 -9.36
C LEU A 86 7.07 12.16 -9.93
N THR A 87 7.09 12.71 -11.15
CA THR A 87 8.32 13.09 -11.89
C THR A 87 8.36 14.62 -11.94
N GLU A 88 9.48 15.21 -12.32
CA GLU A 88 9.52 16.69 -12.37
C GLU A 88 8.58 17.16 -13.49
N ALA A 89 8.36 16.32 -14.50
CA ALA A 89 7.47 16.68 -15.64
C ALA A 89 5.99 16.55 -15.25
N SER A 90 5.65 15.51 -14.49
CA SER A 90 4.23 15.26 -14.08
C SER A 90 3.87 16.09 -12.85
N PHE A 91 4.84 16.82 -12.28
CA PHE A 91 4.59 17.63 -11.06
C PHE A 91 3.84 18.92 -11.43
N THR A 92 4.15 19.51 -12.59
CA THR A 92 3.49 20.77 -13.05
C THR A 92 1.98 20.53 -13.16
N PRO A 93 1.47 19.63 -14.04
CA PRO A 93 0.03 19.39 -14.18
C PRO A 93 -0.63 18.94 -12.86
N TYR A 94 0.13 18.24 -12.00
CA TYR A 94 -0.40 17.81 -10.67
C TYR A 94 -0.61 19.02 -9.78
N ARG A 96 -1.11 21.99 -10.93
CA ARG A 96 -2.16 22.80 -11.53
C ARG A 96 -3.51 22.40 -10.93
N THR A 97 -3.80 21.09 -10.86
CA THR A 97 -5.08 20.59 -10.29
C THR A 97 -5.15 20.93 -8.79
N GLN A 98 -4.03 20.81 -8.07
CA GLN A 98 -3.97 21.11 -6.61
C GLN A 98 -4.19 22.60 -6.34
N LEU A 100 -5.97 24.65 -8.47
CA LEU A 100 -7.33 24.94 -8.86
C LEU A 100 -8.26 24.55 -7.70
N GLU A 101 -8.03 23.36 -7.15
CA GLU A 101 -8.81 22.81 -6.01
C GLU A 101 -8.60 23.72 -4.80
N GLN A 102 -7.37 24.24 -4.61
CA GLN A 102 -7.09 25.12 -3.46
C GLN A 102 -7.80 26.46 -3.63
N ALA A 103 -7.93 26.94 -4.88
CA ALA A 103 -8.61 28.23 -5.17
C ALA A 103 -10.08 28.13 -4.72
N ALA A 104 -10.69 26.97 -4.91
CA ALA A 104 -12.10 26.73 -4.54
C ALA A 104 -12.25 26.66 -3.01
N ILE A 105 -11.33 25.97 -2.31
CA ILE A 105 -11.46 25.86 -0.84
C ILE A 105 -11.21 27.24 -0.20
N ASP A 106 -10.15 27.94 -0.64
CA ASP A 106 -9.82 29.30 -0.10
C ASP A 106 -11.02 30.22 -0.28
N HIS A 107 -11.59 30.22 -1.49
CA HIS A 107 -12.76 31.06 -1.82
C HIS A 107 -13.94 30.69 -0.91
N GLU A 108 -14.20 29.39 -0.72
CA GLU A 108 -15.33 28.92 0.13
C GLU A 108 -15.10 29.32 1.58
N ILE A 109 -13.87 29.21 2.08
CA ILE A 109 -13.55 29.61 3.48
C ILE A 109 -13.89 31.10 3.67
N LYS A 110 -13.32 31.93 2.79
CA LYS A 110 -13.49 33.41 2.85
C LYS A 110 -14.96 33.84 2.72
N GLU A 111 -15.75 33.17 1.88
CA GLU A 111 -17.14 33.62 1.65
C GLU A 111 -18.16 32.91 2.53
N THR A 112 -17.76 32.01 3.46
CA THR A 112 -18.84 31.32 4.23
C THR A 112 -18.42 30.85 5.62
N GLN A 113 -17.11 30.81 5.93
CA GLN A 113 -16.69 30.26 7.26
C GLN A 113 -16.51 31.37 8.31
N TYR A 114 -16.44 32.64 7.93
CA TYR A 114 -16.26 33.67 8.99
C TYR A 114 -17.63 34.10 9.53
N THR A 115 -18.42 33.11 9.99
CA THR A 115 -19.76 33.35 10.58
C THR A 115 -19.60 33.73 12.06
N ASP A 116 -20.57 34.47 12.61
CA ASP A 116 -20.52 34.89 14.03
C ASP A 116 -20.30 33.65 14.93
N ALA A 117 -21.00 32.55 14.63
CA ALA A 117 -20.88 31.30 15.43
C ALA A 117 -19.43 30.82 15.49
N ASN A 118 -18.73 30.82 14.36
CA ASN A 118 -17.30 30.37 14.30
C ASN A 118 -16.38 31.40 14.97
N LEU A 119 -16.68 32.69 14.81
CA LEU A 119 -15.84 33.75 15.44
C LEU A 119 -15.90 33.57 16.97
N LYS A 120 -17.10 33.33 17.52
CA LYS A 120 -17.27 33.13 18.98
C LYS A 120 -16.55 31.84 19.41
N LYS A 121 -16.62 30.78 18.59
CA LYS A 121 -15.97 29.50 18.93
C LYS A 121 -14.46 29.73 19.07
N ALA A 122 -13.87 30.47 18.13
CA ALA A 122 -12.41 30.77 18.13
C ALA A 122 -12.07 31.71 19.29
N TRP A 123 -12.96 32.64 19.57
CA TRP A 123 -12.80 33.66 20.64
C TRP A 123 -12.79 33.03 22.05
N GLU A 124 -13.50 31.91 22.24
CA GLU A 124 -13.57 31.26 23.58
C GLU A 124 -12.18 30.91 24.12
N SER A 125 -11.26 30.47 23.25
CA SER A 125 -9.90 30.07 23.70
C SER A 125 -8.80 30.93 23.07
N TYR A 126 -9.15 32.11 22.53
CA TYR A 126 -8.11 32.95 21.88
C TYR A 126 -7.36 33.81 22.90
N HIS A 127 -6.09 34.09 22.58
CA HIS A 127 -5.22 34.97 23.40
C HIS A 127 -4.32 35.71 22.43
N PRO A 128 -4.27 37.07 22.49
CA PRO A 128 -3.43 37.83 21.56
C PRO A 128 -1.93 37.67 21.80
N ASP A 129 -1.11 38.24 20.92
CA ASP A 129 0.37 38.16 20.99
C ASP A 129 0.91 38.67 22.32
N VAL A 130 1.97 37.99 22.81
CA VAL A 130 2.71 38.33 24.06
C VAL A 130 4.18 38.11 23.72
N THR A 131 5.07 38.95 24.24
CA THR A 131 6.52 38.79 23.97
C THR A 131 7.19 38.29 25.26
N ALA A 132 7.98 37.22 25.20
CA ALA A 132 8.61 36.69 26.43
C ALA A 132 9.75 35.72 26.13
N TYR A 133 10.60 35.49 27.13
CA TYR A 133 11.71 34.53 26.98
C TYR A 133 11.15 33.13 27.30
N VAL A 134 11.22 32.21 26.33
CA VAL A 134 10.74 30.81 26.52
C VAL A 134 11.98 29.92 26.36
N VAL A 135 12.50 29.39 27.46
CA VAL A 135 13.75 28.57 27.46
C VAL A 135 13.44 27.11 27.77
N SER A 136 13.92 26.22 26.89
CA SER A 136 13.71 24.77 27.05
C SER A 136 14.95 24.13 27.68
N GLU A 137 14.76 23.04 28.43
CA GLU A 137 15.84 22.29 29.12
C GLU A 137 15.52 20.80 28.99
N THR A 138 16.54 19.94 29.02
CA THR A 138 16.29 18.48 28.92
C THR A 138 16.06 17.91 30.32
N SER A 139 17.00 18.16 31.23
CA SER A 139 16.92 17.67 32.63
C SER A 139 16.08 18.63 33.47
N LYS A 140 15.34 18.10 34.45
CA LYS A 140 14.53 18.95 35.34
C LYS A 140 15.47 19.72 36.29
N ASP A 141 16.50 19.03 36.79
CA ASP A 141 17.48 19.62 37.74
C ASP A 141 18.16 20.85 37.08
N ALA A 142 18.45 20.75 35.78
CA ALA A 142 19.10 21.87 35.04
C ALA A 142 18.19 23.09 35.01
N ALA A 143 16.90 22.87 34.70
CA ALA A 143 15.90 23.97 34.63
C ALA A 143 15.68 24.58 36.01
N THR A 144 15.68 23.74 37.06
CA THR A 144 15.46 24.22 38.46
C THR A 144 16.60 25.16 38.86
N LYS A 145 17.85 24.79 38.57
CA LYS A 145 19.02 25.63 38.95
C LYS A 145 19.05 26.92 38.12
N ALA A 146 18.73 26.83 36.83
CA ALA A 146 18.71 28.02 35.93
C ALA A 146 17.66 29.03 36.40
N LEU A 147 16.54 28.53 36.94
CA LEU A 147 15.43 29.39 37.45
C LEU A 147 15.85 30.03 38.78
N ASP A 148 16.37 29.23 39.72
CA ASP A 148 16.82 29.77 41.04
C ASP A 148 17.86 30.87 40.81
N ALA A 149 18.74 30.65 39.84
CA ALA A 149 19.81 31.62 39.49
C ALA A 149 19.21 32.90 38.90
N ALA A 150 18.08 32.80 38.19
CA ALA A 150 17.43 33.97 37.55
C ALA A 150 16.61 34.76 38.56
N LYS A 151 15.91 34.08 39.48
CA LYS A 151 15.06 34.77 40.50
C LYS A 151 15.88 35.16 41.74
N LYS A 152 17.17 34.83 41.76
CA LYS A 152 18.06 35.18 42.91
C LYS A 152 18.11 36.71 43.10
N ASP A 153 18.48 37.45 42.04
CA ASP A 153 18.60 38.94 42.08
C ASP A 153 18.57 39.50 40.64
N ASP A 154 18.53 40.83 40.51
CA ASP A 154 18.50 41.51 39.18
C ASP A 154 19.74 41.16 38.37
N ALA A 155 20.83 40.73 39.03
CA ALA A 155 22.07 40.34 38.33
C ALA A 155 21.85 39.00 37.61
N GLY A 156 21.29 38.01 38.30
CA GLY A 156 21.02 36.69 37.69
C GLY A 156 19.97 36.77 36.60
N LYS A 157 19.10 37.80 36.68
CA LYS A 157 18.02 38.01 35.69
C LYS A 157 18.66 38.49 34.37
N ALA A 158 19.68 39.35 34.46
CA ALA A 158 20.38 39.87 33.26
C ALA A 158 21.14 38.71 32.60
N SER A 159 21.73 37.82 33.42
CA SER A 159 22.49 36.65 32.91
C SER A 159 21.55 35.77 32.10
N PHE A 160 20.36 35.52 32.64
CA PHE A 160 19.32 34.68 31.98
C PHE A 160 18.91 35.32 30.64
N GLU A 161 18.71 36.64 30.66
CA GLU A 161 18.28 37.39 29.44
C GLU A 161 19.42 37.43 28.42
N LYS A 162 20.67 37.52 28.87
CA LYS A 162 21.81 37.57 27.89
C LYS A 162 22.05 36.16 27.34
N THR A 163 22.16 35.17 28.24
CA THR A 163 22.38 33.74 27.89
C THR A 163 21.31 33.23 26.93
N ASN A 164 20.04 33.41 27.30
CA ASN A 164 18.89 32.89 26.51
C ASN A 164 18.30 34.00 25.62
N ALA A 165 19.17 34.81 25.00
CA ALA A 165 18.74 35.95 24.17
C ALA A 165 17.93 35.51 22.94
N GLU A 166 18.34 34.44 22.26
CA GLU A 166 17.63 33.96 21.03
C GLU A 166 16.29 33.30 21.37
N SER A 167 15.99 33.07 22.66
CA SER A 167 14.73 32.39 23.03
C SER A 167 13.60 33.41 23.23
N LYS A 168 13.93 34.71 23.19
CA LYS A 168 12.91 35.78 23.35
C LYS A 168 12.02 35.74 22.11
N VAL A 169 10.74 35.38 22.27
CA VAL A 169 9.83 35.26 21.10
C VAL A 169 8.50 35.97 21.32
N THR A 170 7.69 36.00 20.27
CA THR A 170 6.33 36.58 20.27
C THR A 170 5.38 35.49 19.79
N PHE A 171 4.47 35.06 20.67
CA PHE A 171 3.52 33.97 20.32
C PHE A 171 2.12 34.32 20.79
N ASN A 172 1.13 33.60 20.28
CA ASN A 172 -0.30 33.78 20.65
C ASN A 172 -0.89 32.38 20.91
N SER A 173 -2.21 32.26 21.04
CA SER A 173 -2.84 30.94 21.33
C SER A 173 -2.72 29.98 20.13
N THR A 174 -2.44 30.50 18.92
CA THR A 174 -2.35 29.64 17.70
C THR A 174 -0.92 29.16 17.49
N SER A 175 0.00 29.46 18.40
CA SER A 175 1.42 29.02 18.24
C SER A 175 1.51 27.49 18.18
N THR A 176 2.46 26.99 17.39
CA THR A 176 2.72 25.52 17.25
C THR A 176 4.05 25.21 17.93
N SER A 177 4.94 26.20 18.02
CA SER A 177 6.28 26.05 18.65
C SER A 177 6.17 26.02 20.18
N VAL A 178 5.42 26.96 20.76
CA VAL A 178 5.25 27.00 22.25
C VAL A 178 4.14 26.03 22.64
N PRO A 179 4.43 25.00 23.48
CA PRO A 179 3.43 24.02 23.90
C PRO A 179 2.30 24.62 24.74
N THR A 180 1.14 23.95 24.77
CA THR A 180 -0.05 24.44 25.53
C THR A 180 0.27 24.62 27.02
N GLU A 181 0.89 23.62 27.67
CA GLU A 181 1.22 23.77 29.12
C GLU A 181 1.98 25.09 29.33
N VAL A 182 2.96 25.38 28.47
CA VAL A 182 3.79 26.61 28.57
C VAL A 182 2.91 27.85 28.36
N GLN A 183 2.10 27.87 27.30
CA GLN A 183 1.21 29.03 27.00
C GLN A 183 0.33 29.34 28.21
N THR A 184 -0.38 28.32 28.73
CA THR A 184 -1.29 28.51 29.89
C THR A 184 -0.56 29.18 31.05
N ALA A 185 0.62 28.65 31.44
CA ALA A 185 1.40 29.22 32.56
C ALA A 185 1.91 30.63 32.22
N ALA A 186 2.16 30.91 30.94
CA ALA A 186 2.69 32.22 30.50
C ALA A 186 1.60 33.30 30.52
N PHE A 187 0.38 32.97 30.11
CA PHE A 187 -0.68 34.02 30.08
C PHE A 187 -1.09 34.42 31.50
N LYS A 188 -0.51 33.81 32.54
CA LYS A 188 -0.85 34.18 33.95
C LYS A 188 0.24 35.09 34.53
N LEU A 189 1.36 35.25 33.82
CA LEU A 189 2.50 36.05 34.33
C LEU A 189 2.30 37.55 34.03
N LYS A 190 2.91 38.37 34.89
CA LYS A 190 2.90 39.84 34.78
C LYS A 190 4.24 40.21 34.13
N ASN A 191 4.32 41.37 33.49
CA ASN A 191 5.60 41.79 32.85
C ASN A 191 6.72 41.71 33.90
N GLY A 192 7.84 41.07 33.55
CA GLY A 192 9.01 40.94 34.44
C GLY A 192 8.96 39.72 35.34
N GLU A 193 7.82 39.03 35.41
CA GLU A 193 7.71 37.83 36.29
C GLU A 193 8.21 36.55 35.59
N PHE A 194 8.78 35.63 36.38
CA PHE A 194 9.27 34.31 35.92
C PHE A 194 8.24 33.24 36.29
N SER A 195 8.21 32.14 35.54
CA SER A 195 7.25 31.04 35.83
C SER A 195 7.98 29.94 36.61
N ASP A 196 7.24 28.90 37.00
CA ASP A 196 7.85 27.73 37.68
C ASP A 196 8.42 26.86 36.56
N VAL A 197 9.09 25.76 36.90
CA VAL A 197 9.62 24.86 35.84
C VAL A 197 8.39 24.20 35.20
N ILE A 198 8.05 24.57 33.96
CA ILE A 198 6.86 23.99 33.25
C ILE A 198 7.25 22.66 32.60
N GLU A 199 6.51 21.60 32.88
CA GLU A 199 6.78 20.26 32.28
C GLU A 199 5.86 20.09 31.07
N SER A 200 6.42 19.68 29.92
CA SER A 200 5.62 19.48 28.67
C SER A 200 6.06 18.19 27.99
N THR A 201 5.12 17.27 27.74
CA THR A 201 5.44 15.98 27.04
C THR A 201 4.98 16.11 25.58
N SER A 202 5.91 15.94 24.63
CA SER A 202 5.61 16.10 23.19
C SER A 202 4.83 14.90 22.68
N SER A 203 3.71 15.15 21.99
CA SER A 203 2.87 14.06 21.41
C SER A 203 3.54 13.52 20.14
N SER A 204 4.31 14.36 19.44
CA SER A 204 5.02 13.97 18.18
C SER A 204 6.20 13.04 18.49
N THR A 205 7.27 13.57 19.11
CA THR A 205 8.46 12.77 19.47
C THR A 205 8.11 11.79 20.62
N GLY A 206 7.93 12.30 21.83
CA GLY A 206 7.61 11.48 23.02
C GLY A 206 8.49 11.87 24.20
N ALA A 207 9.31 12.92 24.01
CA ALA A 207 10.24 13.43 25.04
C ALA A 207 9.48 14.31 26.04
N THR A 208 10.13 14.64 27.16
CA THR A 208 9.58 15.55 28.20
C THR A 208 10.57 16.70 28.43
N SER A 209 10.22 17.89 27.97
CA SER A 209 11.07 19.10 28.11
C SER A 209 10.67 19.85 29.38
N TYR A 210 11.55 20.76 29.84
CA TYR A 210 11.28 21.56 31.05
C TYR A 210 11.50 23.03 30.67
N TYR A 211 10.40 23.74 30.44
CA TYR A 211 10.40 25.16 30.02
C TYR A 211 10.39 26.10 31.22
N ILE A 212 10.96 27.29 31.01
CA ILE A 212 11.07 28.43 31.97
C ILE A 212 10.62 29.65 31.18
N VAL A 213 9.64 30.41 31.68
CA VAL A 213 9.15 31.58 30.90
C VAL A 213 9.31 32.85 31.71
N GLU A 214 9.71 33.94 31.04
CA GLU A 214 9.84 35.27 31.66
C GLU A 214 9.05 36.23 30.78
N VAL A 216 7.68 39.61 29.27
CA VAL A 216 8.27 40.90 28.94
C VAL A 216 7.12 41.87 28.63
N LYS A 217 6.26 41.48 27.69
CA LYS A 217 5.07 42.28 27.29
C LYS A 217 3.89 41.31 27.22
N THR A 218 2.99 41.38 28.21
CA THR A 218 1.80 40.50 28.27
C THR A 218 0.65 41.18 27.53
N SER A 219 -0.51 40.53 27.48
CA SER A 219 -1.69 41.10 26.78
C SER A 219 -2.96 40.39 27.23
N GLU A 220 -4.12 41.02 27.00
CA GLU A 220 -5.46 40.48 27.35
C GLU A 220 -6.36 40.63 26.11
N LYS A 221 -7.24 39.67 25.86
CA LYS A 221 -8.15 39.77 24.68
C LYS A 221 -9.20 40.86 24.97
N GLY A 222 -9.61 40.99 26.24
CA GLY A 222 -10.62 41.99 26.63
C GLY A 222 -12.03 41.41 26.52
N THR A 223 -13.04 42.29 26.41
CA THR A 223 -14.46 41.86 26.33
C THR A 223 -15.02 42.10 24.91
N ASP A 224 -14.28 42.81 24.05
CA ASP A 224 -14.77 43.08 22.66
C ASP A 224 -14.06 42.16 21.69
N ASN A 226 -14.76 41.94 18.51
N ASN A 226 -14.76 41.94 18.51
CA ASN A 226 -14.59 42.64 17.24
CA ASN A 226 -14.58 42.63 17.24
C ASN A 226 -13.19 43.26 17.14
C ASN A 226 -13.19 43.27 17.14
N LYS A 227 -12.56 43.55 18.29
CA LYS A 227 -11.20 44.16 18.27
C LYS A 227 -10.22 43.19 17.59
N TYR A 228 -10.45 41.88 17.76
CA TYR A 228 -9.57 40.83 17.17
C TYR A 228 -10.35 40.04 16.11
N LYS A 229 -11.17 40.73 15.31
CA LYS A 229 -12.00 40.07 14.26
C LYS A 229 -11.10 39.50 13.17
N LYS A 230 -10.18 40.33 12.65
CA LYS A 230 -9.24 39.89 11.59
C LYS A 230 -8.41 38.69 12.09
N GLU A 231 -7.90 38.76 13.32
CA GLU A 231 -7.08 37.67 13.92
C GLU A 231 -7.90 36.38 13.98
N LEU A 232 -9.14 36.46 14.46
CA LEU A 232 -10.04 35.29 14.58
C LEU A 232 -10.37 34.72 13.20
N GLN A 233 -10.54 35.58 12.19
CA GLN A 233 -10.82 35.09 10.81
C GLN A 233 -9.61 34.24 10.34
N ASN A 234 -8.39 34.70 10.65
CA ASN A 234 -7.16 33.96 10.27
C ASN A 234 -7.09 32.64 11.08
N VAL A 235 -7.66 32.64 12.30
CA VAL A 235 -7.67 31.39 13.13
C VAL A 235 -8.60 30.38 12.44
N ILE A 236 -9.76 30.86 11.99
CA ILE A 236 -10.77 30.01 11.30
C ILE A 236 -10.18 29.55 9.96
N LYS A 237 -9.45 30.43 9.27
CA LYS A 237 -8.85 30.10 7.95
C LYS A 237 -7.86 28.91 8.11
N THR A 238 -6.86 29.06 8.98
CA THR A 238 -5.83 27.99 9.15
C THR A 238 -6.48 26.67 9.60
N GLU A 239 -7.60 26.72 10.32
CA GLU A 239 -8.26 25.47 10.80
C GLU A 239 -9.01 24.77 9.67
N LYS A 240 -9.82 25.52 8.91
CA LYS A 240 -10.64 24.97 7.79
C LYS A 240 -9.75 24.34 6.71
N GLU A 241 -8.58 24.93 6.42
CA GLU A 241 -7.66 24.39 5.40
C GLU A 241 -7.19 22.98 5.79
N GLN A 242 -7.10 22.71 7.09
CA GLN A 242 -6.62 21.42 7.66
C GLN A 242 -7.78 20.48 8.02
N ASP A 243 -9.03 20.92 7.84
CA ASP A 243 -10.20 20.09 8.20
C ASP A 243 -10.63 19.26 6.99
N THR A 244 -10.12 18.02 6.88
CA THR A 244 -10.45 17.11 5.74
C THR A 244 -11.97 17.05 5.53
N THR A 245 -12.75 17.14 6.62
CA THR A 245 -14.23 17.09 6.50
C THR A 245 -14.71 18.31 5.70
N PHE A 246 -14.14 19.49 5.95
CA PHE A 246 -14.54 20.73 5.23
C PHE A 246 -14.16 20.62 3.75
N VAL A 247 -12.90 20.26 3.46
CA VAL A 247 -12.46 20.14 2.04
C VAL A 247 -13.37 19.15 1.30
N SER A 248 -13.56 17.94 1.84
CA SER A 248 -14.46 16.95 1.19
C SER A 248 -15.82 17.60 0.94
N GLY A 249 -16.27 18.47 1.85
CA GLY A 249 -17.55 19.18 1.72
C GLY A 249 -17.51 20.14 0.55
N VAL A 250 -16.38 20.84 0.37
CA VAL A 250 -16.19 21.81 -0.75
C VAL A 250 -16.28 21.03 -2.06
N ILE A 251 -15.58 19.89 -2.15
CA ILE A 251 -15.63 19.03 -3.37
C ILE A 251 -17.10 18.68 -3.63
N ALA A 252 -17.76 18.04 -2.65
CA ALA A 252 -19.16 17.62 -2.75
C ALA A 252 -20.02 18.76 -3.30
N LYS A 253 -19.74 20.00 -2.91
CA LYS A 253 -20.51 21.18 -3.40
C LYS A 253 -20.33 21.33 -4.92
N TYR A 254 -19.08 21.46 -5.37
CA TYR A 254 -18.78 21.66 -6.82
C TYR A 254 -19.21 20.42 -7.62
N LEU A 255 -19.26 19.23 -7.01
CA LEU A 255 -19.76 18.02 -7.73
C LEU A 255 -21.25 18.24 -7.99
N LYS A 256 -22.00 18.42 -6.90
CA LYS A 256 -23.47 18.68 -6.89
C LYS A 256 -23.79 19.86 -7.81
N LYS A 257 -22.95 20.91 -7.77
CA LYS A 257 -23.15 22.14 -8.57
C LYS A 257 -23.06 21.84 -10.07
N ASN A 258 -22.12 20.99 -10.49
CA ASN A 258 -21.95 20.65 -11.94
C ASN A 258 -22.73 19.38 -12.29
N ASN A 259 -23.57 18.89 -11.38
CA ASN A 259 -24.39 17.67 -11.63
C ASN A 259 -23.47 16.53 -12.11
N VAL A 260 -22.30 16.37 -11.48
CA VAL A 260 -21.35 15.29 -11.88
C VAL A 260 -22.04 13.95 -11.66
N THR A 261 -22.06 13.11 -12.69
CA THR A 261 -22.73 11.79 -12.63
C THR A 261 -21.80 10.71 -13.20
N VAL A 262 -21.68 9.59 -12.50
CA VAL A 262 -20.85 8.45 -13.00
C VAL A 262 -21.78 7.56 -13.84
N LYS A 263 -21.56 7.49 -15.16
CA LYS A 263 -22.44 6.65 -16.02
C LYS A 263 -21.96 5.19 -15.97
N GLU A 264 -20.64 4.96 -15.86
CA GLU A 264 -20.12 3.58 -15.83
C GLU A 264 -20.32 3.01 -14.43
N SER A 265 -21.27 2.09 -14.27
CA SER A 265 -21.58 1.48 -12.94
C SER A 265 -20.33 0.83 -12.34
N ALA A 266 -19.32 0.56 -13.16
CA ALA A 266 -18.06 -0.08 -12.67
C ALA A 266 -17.33 0.84 -11.70
N PHE A 267 -17.57 2.16 -11.78
CA PHE A 267 -16.88 3.13 -10.88
C PHE A 267 -17.91 3.82 -9.98
N ALA A 268 -19.12 3.27 -9.90
CA ALA A 268 -20.25 3.81 -9.10
C ALA A 268 -19.75 4.58 -7.87
N SER A 269 -19.05 3.91 -6.96
CA SER A 269 -18.56 4.55 -5.70
C SER A 269 -17.25 5.30 -5.94
N LEU A 270 -17.18 6.10 -7.01
CA LEU A 270 -15.94 6.89 -7.32
C LEU A 270 -15.83 8.07 -6.35
N PHE A 271 -16.93 8.80 -6.16
CA PHE A 271 -16.93 9.97 -5.24
C PHE A 271 -17.67 9.65 -3.95
N SER A 272 -17.64 8.38 -3.50
CA SER A 272 -18.34 7.99 -2.25
C SER A 272 -17.69 8.68 -1.04
N GLN A 273 -16.38 8.95 -1.10
CA GLN A 273 -15.63 9.63 -0.01
C GLN A 273 -16.12 11.08 0.18
N PHE A 274 -16.74 11.68 -0.85
CA PHE A 274 -17.19 13.10 -0.79
C PHE A 274 -18.71 13.22 -0.63
N THR A 275 -19.48 12.30 -1.21
CA THR A 275 -20.97 12.31 -1.12
C THR A 275 -21.45 11.77 0.23
N GLN A 276 -20.67 12.00 1.28
CA GLN A 276 -21.06 11.63 2.68
C GLN A 276 -20.91 12.91 3.51
N THR A 277 -20.28 13.93 2.90
CA THR A 277 -20.03 15.27 3.50
C THR A 277 -20.48 16.36 2.53
N ALA B 7 15.69 -8.57 28.32
CA ALA B 7 16.93 -8.24 29.10
C ALA B 7 17.78 -7.21 28.34
N SER B 8 17.11 -6.25 27.67
CA SER B 8 17.78 -5.20 26.86
C SER B 8 18.67 -5.85 25.80
N LYS B 9 18.32 -7.08 25.37
CA LYS B 9 19.14 -7.80 24.35
C LYS B 9 19.28 -6.91 23.11
N ASP B 10 20.43 -7.00 22.43
CA ASP B 10 20.72 -6.20 21.22
C ASP B 10 20.06 -6.83 19.99
N ILE B 11 19.38 -6.01 19.19
CA ILE B 11 18.71 -6.45 17.94
C ILE B 11 19.66 -6.22 16.77
N ILE B 12 20.23 -5.01 16.69
CA ILE B 12 21.18 -4.63 15.60
C ILE B 12 22.45 -4.08 16.25
N THR B 13 23.61 -4.46 15.69
CA THR B 13 24.94 -4.02 16.16
C THR B 13 25.63 -3.22 15.07
N LYS B 15 29.10 0.09 14.62
CA LYS B 15 30.27 0.70 15.25
C LYS B 15 29.86 1.76 16.29
N GLY B 16 30.36 1.60 17.51
CA GLY B 16 30.13 2.51 18.66
C GLY B 16 28.68 2.67 19.08
N ASP B 17 27.78 1.76 18.69
CA ASP B 17 26.35 1.93 19.08
C ASP B 17 25.60 0.61 18.82
N THR B 18 24.33 0.54 19.25
CA THR B 18 23.51 -0.69 19.07
C THR B 18 22.01 -0.38 19.27
N ILE B 19 21.13 -1.07 18.53
CA ILE B 19 19.64 -0.89 18.66
C ILE B 19 19.10 -1.98 19.58
N ARG B 20 18.51 -1.58 20.71
CA ARG B 20 17.95 -2.53 21.70
C ARG B 20 16.43 -2.55 21.58
N VAL B 21 15.76 -3.43 22.34
CA VAL B 21 14.28 -3.53 22.31
C VAL B 21 13.67 -2.19 22.77
N SER B 22 14.21 -1.61 23.84
CA SER B 22 13.69 -0.32 24.36
C SER B 22 13.72 0.72 23.25
N ASP B 23 14.82 0.79 22.50
CA ASP B 23 15.00 1.75 21.38
C ASP B 23 13.90 1.51 20.33
N LEU B 24 13.55 0.25 20.09
CA LEU B 24 12.48 -0.07 19.10
C LEU B 24 11.14 0.41 19.64
N TYR B 25 10.82 0.03 20.88
CA TYR B 25 9.51 0.42 21.49
C TYR B 25 9.35 1.94 21.45
N LYS B 26 10.44 2.70 21.59
CA LYS B 26 10.34 4.18 21.56
C LYS B 26 9.87 4.64 20.18
N GLU B 27 10.38 3.99 19.12
CA GLU B 27 9.97 4.33 17.72
C GLU B 27 8.54 3.83 17.51
N ALA B 28 8.22 2.65 18.05
CA ALA B 28 6.86 2.07 17.90
C ALA B 28 5.82 3.06 18.44
N LYS B 29 6.10 3.70 19.58
CA LYS B 29 5.15 4.67 20.19
C LYS B 29 5.04 5.93 19.31
N GLN B 30 6.09 6.26 18.58
CA GLN B 30 6.06 7.49 17.74
C GLN B 30 5.38 7.19 16.38
N PHE B 31 5.41 5.93 15.92
CA PHE B 31 4.80 5.56 14.62
C PHE B 31 4.04 4.25 14.76
N PRO B 32 2.94 4.22 15.52
CA PRO B 32 2.18 2.98 15.72
C PRO B 32 1.65 2.33 14.43
N SER B 33 1.48 3.14 13.37
CA SER B 33 0.97 2.64 12.06
C SER B 33 2.08 1.97 11.24
N GLN B 34 3.36 2.36 11.45
CA GLN B 34 4.50 1.78 10.69
C GLN B 34 4.89 0.40 11.24
N PRO B 35 5.30 -0.54 10.36
CA PRO B 35 5.67 -1.89 10.77
C PRO B 35 7.07 -1.95 11.42
N THR B 36 7.32 -3.01 12.18
CA THR B 36 8.60 -3.21 12.90
C THR B 36 9.80 -3.02 11.96
N ASN B 37 9.77 -3.66 10.77
CA ASN B 37 10.87 -3.53 9.79
C ASN B 37 11.21 -2.05 9.54
N THR B 38 10.20 -1.26 9.20
CA THR B 38 10.42 0.20 8.91
C THR B 38 11.02 0.89 10.14
N LEU B 39 10.46 0.63 11.33
CA LEU B 39 10.96 1.28 12.57
C LEU B 39 12.46 0.99 12.74
N LEU B 40 12.88 -0.24 12.43
CA LEU B 40 14.31 -0.63 12.57
C LEU B 40 15.15 0.07 11.48
N GLN B 41 14.72 -0.03 10.22
CA GLN B 41 15.48 0.60 9.09
C GLN B 41 15.70 2.09 9.37
N ASN B 42 14.62 2.83 9.64
CA ASN B 42 14.69 4.29 9.90
C ASN B 42 15.55 4.58 11.12
N LEU B 43 15.40 3.78 12.18
CA LEU B 43 16.19 4.00 13.41
C LEU B 43 17.68 3.77 13.12
N THR B 44 17.98 2.87 12.20
CA THR B 44 19.39 2.60 11.82
C THR B 44 19.91 3.77 10.99
N PHE B 45 19.17 4.17 9.94
CA PHE B 45 19.58 5.31 9.07
C PHE B 45 19.79 6.57 9.93
N ASP B 46 18.84 6.84 10.83
CA ASP B 46 18.93 8.02 11.72
C ASP B 46 20.31 8.02 12.40
N LYS B 47 20.70 6.87 12.98
CA LYS B 47 22.00 6.76 13.70
C LYS B 47 23.20 6.91 12.75
N ILE B 48 23.28 6.10 11.68
CA ILE B 48 24.47 6.14 10.77
C ILE B 48 24.62 7.51 10.08
N PHE B 49 23.53 8.19 9.73
CA PHE B 49 23.65 9.50 9.04
C PHE B 49 23.86 10.63 10.06
N THR B 50 23.44 10.42 11.30
CA THR B 50 23.63 11.48 12.35
C THR B 50 25.08 11.48 12.80
N LYS B 51 25.74 10.33 12.67
CA LYS B 51 27.16 10.16 13.11
C LYS B 51 28.08 10.98 12.19
N ASP B 52 27.63 11.26 10.96
CA ASP B 52 28.49 11.96 9.97
C ASP B 52 27.89 13.29 9.51
N PHE B 53 26.58 13.52 9.68
CA PHE B 53 26.02 14.81 9.19
C PHE B 53 25.09 15.45 10.25
N GLY B 54 25.09 14.94 11.47
CA GLY B 54 24.21 15.47 12.54
C GLY B 54 24.52 16.90 12.91
N LYS B 55 25.81 17.25 13.08
CA LYS B 55 26.23 18.62 13.45
C LYS B 55 25.89 19.60 12.32
N GLU B 56 25.69 19.10 11.11
CA GLU B 56 25.40 19.95 9.92
C GLU B 56 23.89 20.19 9.78
N VAL B 57 23.06 19.42 10.47
CA VAL B 57 21.57 19.58 10.39
C VAL B 57 20.99 19.76 11.80
N THR B 58 21.15 20.95 12.39
CA THR B 58 20.61 21.24 13.75
C THR B 58 19.09 21.42 13.66
N ASP B 59 18.41 21.45 14.82
CA ASP B 59 16.94 21.63 14.88
C ASP B 59 16.57 22.96 14.22
N LYS B 60 17.45 23.97 14.32
CA LYS B 60 17.18 25.30 13.70
C LYS B 60 17.29 25.18 12.18
N ASP B 61 18.27 24.41 11.69
CA ASP B 61 18.43 24.23 10.22
C ASP B 61 17.16 23.57 9.66
N VAL B 62 16.61 22.60 10.39
CA VAL B 62 15.38 21.86 9.97
C VAL B 62 14.17 22.81 10.02
N SER B 63 13.86 23.38 11.18
CA SER B 63 12.71 24.30 11.32
C SER B 63 12.81 25.49 10.35
N LYS B 64 14.02 25.87 9.97
CA LYS B 64 14.21 27.01 9.03
C LYS B 64 13.78 26.60 7.61
N LYS B 65 14.20 25.42 7.15
CA LYS B 65 13.83 24.95 5.79
C LYS B 65 12.34 24.64 5.75
N VAL B 66 11.81 24.03 6.82
CA VAL B 66 10.36 23.72 6.90
C VAL B 66 9.55 25.01 6.70
N LYS B 67 9.91 26.07 7.43
CA LYS B 67 9.18 27.36 7.31
C LYS B 67 9.29 27.89 5.88
N SER B 68 10.49 27.87 5.28
CA SER B 68 10.64 28.39 3.89
C SER B 68 9.73 27.62 2.92
N ILE B 69 9.48 26.34 3.18
CA ILE B 69 8.59 25.51 2.30
C ILE B 69 7.13 25.87 2.59
N LYS B 70 6.77 25.92 3.87
CA LYS B 70 5.40 26.28 4.28
C LYS B 70 5.01 27.62 3.64
N ASP B 71 5.93 28.58 3.63
CA ASP B 71 5.71 29.93 3.06
C ASP B 71 5.47 29.84 1.54
N GLN B 72 6.17 28.94 0.84
CA GLN B 72 5.97 28.85 -0.63
C GLN B 72 4.61 28.21 -0.94
N TYR B 73 4.30 27.05 -0.37
CA TYR B 73 2.97 26.42 -0.61
C TYR B 73 1.85 27.37 -0.19
N GLY B 74 2.07 28.15 0.87
CA GLY B 74 1.04 29.08 1.36
C GLY B 74 -0.16 28.33 1.92
N SER B 75 -1.37 28.68 1.47
CA SER B 75 -2.64 28.04 1.94
C SER B 75 -2.74 26.57 1.51
N GLN B 76 -2.02 26.19 0.44
CA GLN B 76 -2.03 24.80 -0.09
C GLN B 76 -1.23 23.85 0.82
N PHE B 77 -0.33 24.37 1.65
CA PHE B 77 0.55 23.55 2.53
C PHE B 77 -0.23 22.46 3.28
N SER B 78 -1.40 22.79 3.84
CA SER B 78 -2.18 21.75 4.58
C SER B 78 -2.52 20.56 3.65
N SER B 79 -3.17 20.83 2.52
CA SER B 79 -3.58 19.78 1.54
C SER B 79 -2.35 19.18 0.84
N ALA B 80 -1.21 19.86 0.88
CA ALA B 80 0.03 19.34 0.25
C ALA B 80 0.63 18.26 1.15
N LEU B 81 0.45 18.41 2.49
CA LEU B 81 0.95 17.41 3.47
C LEU B 81 0.03 16.18 3.47
N GLN B 82 -1.27 16.39 3.21
CA GLN B 82 -2.26 15.28 3.14
C GLN B 82 -1.85 14.33 2.00
N GLN B 83 -1.58 14.90 0.83
CA GLN B 83 -1.21 14.12 -0.38
C GLN B 83 0.02 13.25 -0.07
N GLN B 84 0.88 13.71 0.86
CA GLN B 84 2.12 12.97 1.23
C GLN B 84 1.88 12.07 2.44
N GLY B 85 0.72 12.22 3.09
CA GLY B 85 0.37 11.40 4.27
C GLY B 85 1.07 11.88 5.53
N LEU B 86 1.20 13.20 5.68
CA LEU B 86 1.87 13.83 6.86
C LEU B 86 1.00 14.93 7.47
N THR B 87 1.35 15.33 8.69
CA THR B 87 0.69 16.43 9.44
C THR B 87 1.73 17.56 9.56
N GLU B 88 1.33 18.77 9.96
CA GLU B 88 2.33 19.86 10.09
C GLU B 88 3.30 19.50 11.23
N ALA B 89 2.83 18.71 12.21
CA ALA B 89 3.68 18.31 13.37
C ALA B 89 4.65 17.20 12.97
N SER B 90 4.20 16.23 12.17
CA SER B 90 5.06 15.09 11.77
C SER B 90 5.94 15.47 10.58
N PHE B 91 5.76 16.67 10.02
CA PHE B 91 6.56 17.10 8.83
C PHE B 91 7.98 17.50 9.25
N THR B 92 8.14 18.12 10.42
CA THR B 92 9.47 18.56 10.91
C THR B 92 10.40 17.35 11.04
N PRO B 93 10.11 16.35 11.91
CA PRO B 93 10.98 15.18 12.07
C PRO B 93 11.16 14.39 10.76
N TYR B 94 10.17 14.41 9.87
CA TYR B 94 10.27 13.72 8.55
C TYR B 94 11.29 14.44 7.68
N ARG B 96 13.70 16.23 8.89
CA ARG B 96 15.00 16.06 9.50
C ARG B 96 15.69 14.81 8.92
N THR B 97 14.96 13.68 8.85
CA THR B 97 15.54 12.41 8.33
C THR B 97 15.88 12.57 6.84
N GLN B 98 15.01 13.26 6.08
CA GLN B 98 15.21 13.48 4.62
C GLN B 98 16.39 14.40 4.36
N LEU B 100 19.07 14.67 6.54
CA LEU B 100 20.26 13.92 6.94
C LEU B 100 20.66 12.98 5.79
N GLU B 101 19.66 12.28 5.25
CA GLU B 101 19.86 11.31 4.14
C GLU B 101 20.34 12.07 2.90
N GLN B 102 19.81 13.28 2.69
CA GLN B 102 20.21 14.08 1.50
C GLN B 102 21.64 14.58 1.66
N ALA B 103 22.05 14.87 2.90
CA ALA B 103 23.43 15.36 3.19
C ALA B 103 24.43 14.28 2.77
N ALA B 104 24.08 13.01 2.99
CA ALA B 104 24.95 11.85 2.64
C ALA B 104 25.04 11.68 1.12
N ILE B 105 23.90 11.78 0.42
CA ILE B 105 23.88 11.61 -1.06
C ILE B 105 24.68 12.76 -1.70
N ASP B 106 24.37 14.00 -1.31
CA ASP B 106 25.06 15.21 -1.87
C ASP B 106 26.57 15.07 -1.66
N HIS B 107 26.98 14.70 -0.44
CA HIS B 107 28.42 14.54 -0.11
C HIS B 107 29.04 13.44 -0.98
N GLU B 108 28.33 12.32 -1.15
CA GLU B 108 28.87 11.17 -1.94
C GLU B 108 28.96 11.56 -3.41
N ILE B 109 27.98 12.29 -3.94
CA ILE B 109 28.01 12.75 -5.37
C ILE B 109 29.27 13.61 -5.57
N LYS B 110 29.43 14.64 -4.73
CA LYS B 110 30.56 15.59 -4.82
C LYS B 110 31.93 14.91 -4.67
N GLU B 111 32.06 13.90 -3.81
CA GLU B 111 33.38 13.27 -3.56
C GLU B 111 33.64 12.05 -4.44
N THR B 112 32.73 11.66 -5.36
CA THR B 112 33.05 10.40 -6.12
C THR B 112 32.41 10.32 -7.50
N GLN B 113 31.45 11.18 -7.83
CA GLN B 113 30.76 11.03 -9.16
C GLN B 113 31.36 11.90 -10.27
N TYR B 114 32.19 12.90 -9.93
CA TYR B 114 32.75 13.76 -10.99
C TYR B 114 34.03 13.11 -11.55
N THR B 115 33.91 11.86 -12.01
CA THR B 115 35.05 11.10 -12.60
C THR B 115 35.22 11.48 -14.07
N ASP B 116 36.44 11.34 -14.62
CA ASP B 116 36.71 11.67 -16.04
C ASP B 116 35.68 10.95 -16.95
N ALA B 117 35.41 9.67 -16.67
CA ALA B 117 34.47 8.87 -17.48
C ALA B 117 33.09 9.55 -17.56
N ASN B 118 32.58 10.05 -16.41
CA ASN B 118 31.24 10.71 -16.36
C ASN B 118 31.32 12.09 -17.02
N LEU B 119 32.44 12.81 -16.85
CA LEU B 119 32.58 14.16 -17.48
C LEU B 119 32.50 14.01 -19.00
N LYS B 120 33.20 13.00 -19.55
CA LYS B 120 33.19 12.75 -21.02
C LYS B 120 31.78 12.32 -21.47
N LYS B 121 31.10 11.51 -20.66
CA LYS B 121 29.72 11.04 -21.01
C LYS B 121 28.80 12.26 -21.15
N ALA B 122 28.89 13.20 -20.20
CA ALA B 122 28.06 14.43 -20.20
C ALA B 122 28.47 15.34 -21.35
N TRP B 123 29.77 15.39 -21.63
CA TRP B 123 30.35 16.24 -22.69
C TRP B 123 29.93 15.81 -24.11
N GLU B 124 29.66 14.52 -24.31
CA GLU B 124 29.26 14.00 -25.65
C GLU B 124 28.02 14.71 -26.19
N SER B 125 27.04 15.02 -25.32
CA SER B 125 25.78 15.66 -25.78
C SER B 125 25.58 17.04 -25.12
N TYR B 126 26.64 17.65 -24.60
CA TYR B 126 26.49 18.97 -23.94
C TYR B 126 26.52 20.12 -24.95
N HIS B 127 25.79 21.18 -24.62
CA HIS B 127 25.76 22.44 -25.42
C HIS B 127 25.61 23.57 -24.42
N PRO B 128 26.49 24.60 -24.45
CA PRO B 128 26.40 25.71 -23.50
C PRO B 128 25.19 26.63 -23.72
N ASP B 129 25.00 27.58 -22.79
CA ASP B 129 23.88 28.55 -22.84
C ASP B 129 23.83 29.32 -24.16
N VAL B 130 22.61 29.55 -24.64
CA VAL B 130 22.29 30.32 -25.87
C VAL B 130 21.06 31.15 -25.53
N THR B 131 20.99 32.39 -26.02
CA THR B 131 19.83 33.26 -25.72
C THR B 131 19.01 33.38 -27.00
N ALA B 132 17.69 33.14 -26.93
CA ALA B 132 16.87 33.21 -28.17
C ALA B 132 15.37 33.29 -27.85
N TYR B 133 14.60 33.72 -28.85
CA TYR B 133 13.12 33.79 -28.72
C TYR B 133 12.58 32.39 -29.03
N VAL B 134 11.92 31.76 -28.05
CA VAL B 134 11.32 30.40 -28.21
C VAL B 134 9.80 30.58 -28.04
N VAL B 135 9.05 30.59 -29.14
CA VAL B 135 7.58 30.85 -29.08
C VAL B 135 6.80 29.60 -29.47
N SER B 136 5.86 29.21 -28.60
CA SER B 136 5.02 28.01 -28.83
C SER B 136 3.68 28.43 -29.44
N GLU B 137 3.09 27.53 -30.23
CA GLU B 137 1.78 27.74 -30.92
C GLU B 137 1.01 26.43 -30.84
N THR B 138 -0.33 26.49 -30.87
CA THR B 138 -1.14 25.25 -30.78
C THR B 138 -1.35 24.67 -32.19
N SER B 139 -1.88 25.50 -33.10
CA SER B 139 -2.11 25.07 -34.50
C SER B 139 -0.84 25.33 -35.32
N LYS B 140 -0.60 24.48 -36.31
CA LYS B 140 0.58 24.64 -37.20
C LYS B 140 0.36 25.86 -38.10
N ASP B 141 -0.87 26.05 -38.59
CA ASP B 141 -1.20 27.21 -39.48
C ASP B 141 -0.87 28.53 -38.78
N ALA B 142 -1.13 28.62 -37.46
CA ALA B 142 -0.86 29.86 -36.69
C ALA B 142 0.65 30.13 -36.67
N ALA B 143 1.44 29.09 -36.40
CA ALA B 143 2.93 29.20 -36.35
C ALA B 143 3.48 29.56 -37.73
N THR B 144 2.90 28.98 -38.79
CA THR B 144 3.35 29.23 -40.19
C THR B 144 3.17 30.71 -40.54
N LYS B 145 2.00 31.28 -40.21
CA LYS B 145 1.71 32.70 -40.54
C LYS B 145 2.60 33.64 -39.70
N ALA B 146 2.79 33.32 -38.42
CA ALA B 146 3.61 34.15 -37.50
C ALA B 146 5.07 34.18 -38.00
N LEU B 147 5.54 33.07 -38.56
CA LEU B 147 6.93 32.96 -39.07
C LEU B 147 7.06 33.74 -40.39
N ASP B 148 6.14 33.53 -41.33
CA ASP B 148 6.18 34.24 -42.64
C ASP B 148 6.15 35.76 -42.38
N ALA B 149 5.36 36.19 -41.40
CA ALA B 149 5.23 37.61 -41.04
C ALA B 149 6.55 38.14 -40.45
N ALA B 150 7.31 37.28 -39.75
CA ALA B 150 8.58 37.69 -39.12
C ALA B 150 9.73 37.71 -40.13
N LYS B 151 9.77 36.76 -41.06
CA LYS B 151 10.87 36.69 -42.08
C LYS B 151 10.54 37.56 -43.30
N LYS B 152 9.37 38.20 -43.33
CA LYS B 152 8.99 39.04 -44.50
C LYS B 152 9.98 40.22 -44.64
N ASP B 153 10.15 41.02 -43.59
CA ASP B 153 11.06 42.20 -43.61
C ASP B 153 11.49 42.57 -42.18
N ASP B 154 12.42 43.52 -42.05
CA ASP B 154 12.92 43.98 -40.73
C ASP B 154 11.78 44.55 -39.88
N ALA B 155 10.68 44.98 -40.53
CA ALA B 155 9.52 45.53 -39.81
C ALA B 155 8.77 44.40 -39.08
N GLY B 156 8.51 43.30 -39.80
CA GLY B 156 7.80 42.14 -39.20
C GLY B 156 8.65 41.47 -38.13
N LYS B 157 9.97 41.62 -38.23
CA LYS B 157 10.92 41.02 -37.26
C LYS B 157 10.80 41.77 -35.94
N ALA B 158 10.65 43.09 -36.00
CA ALA B 158 10.51 43.92 -34.77
C ALA B 158 9.17 43.60 -34.10
N SER B 159 8.12 43.39 -34.90
CA SER B 159 6.76 43.06 -34.39
C SER B 159 6.84 41.74 -33.60
N PHE B 160 7.52 40.75 -34.19
CA PHE B 160 7.68 39.42 -33.56
C PHE B 160 8.44 39.56 -32.23
N GLU B 161 9.51 40.36 -32.24
CA GLU B 161 10.37 40.58 -31.04
C GLU B 161 9.60 41.38 -29.98
N LYS B 162 8.74 42.33 -30.40
CA LYS B 162 7.97 43.12 -29.39
C LYS B 162 6.83 42.26 -28.83
N THR B 163 6.06 41.63 -29.73
CA THR B 163 4.91 40.76 -29.38
C THR B 163 5.35 39.61 -28.46
N ASN B 164 6.38 38.88 -28.86
CA ASN B 164 6.89 37.69 -28.13
C ASN B 164 8.10 38.06 -27.27
N ALA B 165 8.05 39.23 -26.63
CA ALA B 165 9.17 39.73 -25.79
C ALA B 165 9.43 38.81 -24.59
N GLU B 166 8.37 38.32 -23.92
CA GLU B 166 8.52 37.43 -22.74
C GLU B 166 9.04 36.03 -23.11
N SER B 167 9.10 35.72 -24.41
CA SER B 167 9.53 34.36 -24.83
C SER B 167 11.05 34.30 -24.99
N LYS B 168 11.72 35.45 -24.93
CA LYS B 168 13.20 35.52 -25.08
C LYS B 168 13.80 34.88 -23.83
N VAL B 169 14.46 33.73 -23.99
CA VAL B 169 15.02 33.00 -22.81
C VAL B 169 16.48 32.57 -23.06
N THR B 170 17.07 31.98 -22.02
CA THR B 170 18.47 31.46 -22.05
C THR B 170 18.39 29.99 -21.61
N PHE B 171 18.74 29.07 -22.52
CA PHE B 171 18.70 27.63 -22.20
C PHE B 171 19.97 26.94 -22.68
N ASN B 172 20.20 25.72 -22.18
CA ASN B 172 21.37 24.89 -22.58
C ASN B 172 20.83 23.47 -22.86
N SER B 173 21.71 22.47 -22.99
CA SER B 173 21.26 21.08 -23.29
C SER B 173 20.52 20.46 -22.10
N THR B 174 20.68 21.01 -20.89
CA THR B 174 20.02 20.45 -19.67
C THR B 174 18.65 21.10 -19.45
N SER B 175 18.18 21.95 -20.37
CA SER B 175 16.86 22.63 -20.18
C SER B 175 15.74 21.60 -20.11
N THR B 176 14.72 21.89 -19.29
CA THR B 176 13.52 21.02 -19.11
C THR B 176 12.33 21.70 -19.78
N SER B 177 12.37 23.03 -19.90
CA SER B 177 11.27 23.81 -20.54
C SER B 177 11.33 23.70 -22.07
N VAL B 178 12.51 23.86 -22.66
CA VAL B 178 12.65 23.77 -24.15
C VAL B 178 12.78 22.31 -24.55
N PRO B 179 11.86 21.77 -25.38
CA PRO B 179 11.93 20.38 -25.82
C PRO B 179 13.16 20.06 -26.70
N THR B 180 13.55 18.78 -26.75
CA THR B 180 14.74 18.33 -27.51
C THR B 180 14.63 18.73 -28.99
N GLU B 181 13.50 18.43 -29.64
CA GLU B 181 13.36 18.81 -31.09
C GLU B 181 13.71 20.29 -31.28
N VAL B 182 13.20 21.16 -30.40
CA VAL B 182 13.44 22.63 -30.47
C VAL B 182 14.93 22.93 -30.25
N GLN B 183 15.53 22.36 -29.20
CA GLN B 183 16.97 22.59 -28.90
C GLN B 183 17.82 22.23 -30.12
N THR B 184 17.64 21.02 -30.65
CA THR B 184 18.44 20.55 -31.82
C THR B 184 18.36 21.55 -32.97
N ALA B 185 17.15 21.98 -33.36
CA ALA B 185 16.97 22.95 -34.46
C ALA B 185 17.57 24.31 -34.11
N ALA B 186 17.57 24.66 -32.82
CA ALA B 186 18.08 25.98 -32.36
C ALA B 186 19.61 26.03 -32.38
N PHE B 187 20.28 24.94 -31.99
CA PHE B 187 21.76 24.98 -31.96
C PHE B 187 22.35 25.03 -33.38
N LYS B 188 21.51 24.97 -34.42
CA LYS B 188 21.99 25.02 -35.83
C LYS B 188 21.81 26.43 -36.41
N LEU B 189 21.12 27.31 -35.67
CA LEU B 189 20.85 28.69 -36.15
C LEU B 189 22.03 29.63 -35.87
N LYS B 190 22.14 30.66 -36.72
CA LYS B 190 23.15 31.73 -36.59
C LYS B 190 22.44 32.91 -35.90
N ASN B 191 23.19 33.78 -35.22
CA ASN B 191 22.55 34.95 -34.57
C ASN B 191 21.69 35.69 -35.61
N GLY B 192 20.43 36.00 -35.24
CA GLY B 192 19.50 36.74 -36.12
C GLY B 192 18.68 35.83 -37.04
N GLU B 193 19.03 34.54 -37.12
CA GLU B 193 18.30 33.62 -38.02
C GLU B 193 17.08 33.02 -37.32
N PHE B 194 16.02 32.79 -38.11
CA PHE B 194 14.75 32.17 -37.66
C PHE B 194 14.77 30.69 -38.06
N SER B 195 14.04 29.86 -37.33
CA SER B 195 13.98 28.41 -37.64
C SER B 195 12.71 28.14 -38.44
N ASP B 196 12.54 26.89 -38.87
CA ASP B 196 11.29 26.50 -39.58
C ASP B 196 10.28 26.23 -38.45
N VAL B 197 9.04 25.92 -38.79
CA VAL B 197 8.05 25.59 -37.74
C VAL B 197 8.49 24.24 -37.14
N ILE B 198 8.99 24.25 -35.89
CA ILE B 198 9.48 23.01 -35.23
C ILE B 198 8.29 22.28 -34.61
N GLU B 199 8.12 20.99 -34.94
CA GLU B 199 7.02 20.17 -34.39
C GLU B 199 7.59 19.39 -33.19
N SER B 200 6.91 19.45 -32.05
CA SER B 200 7.38 18.75 -30.82
C SER B 200 6.21 18.01 -30.18
N THR B 201 6.32 16.69 -30.07
CA THR B 201 5.27 15.85 -29.46
C THR B 201 5.69 15.50 -28.03
N SER B 202 4.85 15.84 -27.04
CA SER B 202 5.14 15.54 -25.61
C SER B 202 4.99 14.03 -25.35
N SER B 203 6.00 13.41 -24.72
CA SER B 203 5.96 11.96 -24.40
C SER B 203 5.03 11.71 -23.21
N SER B 204 4.88 12.69 -22.31
CA SER B 204 4.01 12.57 -21.11
C SER B 204 2.52 12.64 -21.52
N THR B 205 2.06 13.83 -21.94
CA THR B 205 0.64 14.03 -22.35
C THR B 205 0.37 13.29 -23.67
N GLY B 206 0.89 13.82 -24.78
CA GLY B 206 0.71 13.25 -26.13
C GLY B 206 0.33 14.33 -27.13
N ALA B 207 0.31 15.59 -26.66
CA ALA B 207 -0.05 16.77 -27.49
C ALA B 207 1.12 17.16 -28.41
N THR B 208 0.83 17.94 -29.44
CA THR B 208 1.85 18.38 -30.43
C THR B 208 1.84 19.90 -30.57
N SER B 209 2.89 20.55 -30.07
CA SER B 209 3.04 22.02 -30.15
C SER B 209 3.85 22.38 -31.41
N TYR B 210 3.83 23.66 -31.80
CA TYR B 210 4.60 24.13 -32.98
C TYR B 210 5.43 25.35 -32.55
N TYR B 211 6.73 25.11 -32.33
CA TYR B 211 7.67 26.16 -31.87
C TYR B 211 8.32 26.89 -33.05
N ILE B 212 8.71 28.14 -32.79
CA ILE B 212 9.42 29.07 -33.72
C ILE B 212 10.59 29.60 -32.91
N VAL B 213 11.81 29.48 -33.43
CA VAL B 213 12.98 29.97 -32.65
C VAL B 213 13.71 31.04 -33.46
N GLU B 214 14.17 32.08 -32.78
CA GLU B 214 14.98 33.16 -33.39
C GLU B 214 16.21 33.30 -32.52
N VAL B 216 19.54 34.76 -30.96
CA VAL B 216 19.99 36.09 -30.62
C VAL B 216 21.49 36.01 -30.32
N LYS B 217 21.85 35.11 -29.40
CA LYS B 217 23.26 34.86 -29.02
C LYS B 217 23.45 33.34 -28.98
N THR B 218 24.15 32.80 -29.99
CA THR B 218 24.41 31.35 -30.08
C THR B 218 25.72 31.07 -29.35
N SER B 219 26.13 29.79 -29.31
CA SER B 219 27.38 29.40 -28.62
C SER B 219 27.83 28.01 -29.10
N GLU B 220 29.12 27.72 -28.87
N GLU B 220 29.11 27.71 -28.87
CA GLU B 220 29.73 26.42 -29.22
CA GLU B 220 29.73 26.42 -29.21
C GLU B 220 30.48 25.90 -27.98
C GLU B 220 30.48 25.90 -27.98
N LYS B 221 30.47 24.58 -27.76
CA LYS B 221 31.18 24.02 -26.60
C LYS B 221 32.68 24.11 -26.83
N GLY B 222 33.10 23.97 -28.09
CA GLY B 222 34.53 24.04 -28.45
C GLY B 222 35.18 22.68 -28.38
N THR B 223 36.52 22.66 -28.24
CA THR B 223 37.30 21.39 -28.21
C THR B 223 37.84 21.13 -26.79
N ASP B 224 37.72 22.10 -25.88
CA ASP B 224 38.23 21.94 -24.50
C ASP B 224 37.04 21.71 -23.57
N ASN B 226 37.37 20.98 -20.41
CA ASN B 226 37.71 21.56 -19.12
C ASN B 226 37.12 22.98 -19.00
N LYS B 227 36.86 23.65 -20.12
CA LYS B 227 36.28 25.02 -20.07
C LYS B 227 34.90 24.96 -19.41
N TYR B 228 34.17 23.85 -19.61
CA TYR B 228 32.81 23.66 -19.04
C TYR B 228 32.83 22.53 -18.00
N LYS B 229 33.89 22.47 -17.20
CA LYS B 229 34.05 21.41 -16.15
C LYS B 229 32.97 21.58 -15.07
N LYS B 230 32.84 22.80 -14.55
CA LYS B 230 31.84 23.09 -13.49
C LYS B 230 30.43 22.77 -13.99
N GLU B 231 30.11 23.18 -15.23
CA GLU B 231 28.78 22.93 -15.85
C GLU B 231 28.52 21.42 -15.94
N LEU B 232 29.51 20.65 -16.40
CA LEU B 232 29.38 19.18 -16.56
C LEU B 232 29.21 18.52 -15.18
N GLN B 233 29.91 19.04 -14.16
CA GLN B 233 29.76 18.47 -12.79
C GLN B 233 28.30 18.66 -12.34
N ASN B 234 27.71 19.82 -12.64
CA ASN B 234 26.30 20.10 -12.28
C ASN B 234 25.37 19.18 -13.09
N VAL B 235 25.78 18.80 -14.32
CA VAL B 235 24.96 17.87 -15.16
C VAL B 235 24.95 16.50 -14.46
N ILE B 236 26.12 16.06 -13.99
CA ILE B 236 26.27 14.75 -13.29
C ILE B 236 25.51 14.82 -11.96
N LYS B 237 25.57 15.98 -11.28
CA LYS B 237 24.89 16.15 -9.97
C LYS B 237 23.38 15.96 -10.13
N THR B 238 22.74 16.73 -11.02
CA THR B 238 21.27 16.64 -11.25
C THR B 238 20.84 15.21 -11.64
N GLU B 239 21.69 14.45 -12.33
CA GLU B 239 21.33 13.07 -12.75
C GLU B 239 21.40 12.09 -11.58
N LYS B 240 22.49 12.13 -10.83
CA LYS B 240 22.73 11.20 -9.67
C LYS B 240 21.65 11.38 -8.59
N GLU B 241 21.18 12.61 -8.35
CA GLU B 241 20.14 12.89 -7.33
C GLU B 241 18.84 12.15 -7.69
N GLN B 242 18.59 11.95 -9.00
CA GLN B 242 17.36 11.30 -9.53
C GLN B 242 17.57 9.80 -9.79
N ASP B 243 18.79 9.29 -9.58
CA ASP B 243 19.08 7.85 -9.87
C ASP B 243 18.87 7.00 -8.61
N THR B 244 17.66 6.46 -8.43
CA THR B 244 17.34 5.59 -7.25
C THR B 244 18.40 4.50 -7.07
N THR B 245 18.99 4.01 -8.15
CA THR B 245 20.05 2.96 -8.05
C THR B 245 21.26 3.54 -7.31
N PHE B 246 21.62 4.79 -7.60
CA PHE B 246 22.78 5.45 -6.92
C PHE B 246 22.46 5.65 -5.43
N VAL B 247 21.30 6.23 -5.11
CA VAL B 247 20.89 6.45 -3.69
C VAL B 247 20.96 5.12 -2.92
N SER B 248 20.31 4.07 -3.44
CA SER B 248 20.35 2.75 -2.76
C SER B 248 21.82 2.35 -2.52
N GLY B 249 22.68 2.69 -3.48
CA GLY B 249 24.13 2.39 -3.37
C GLY B 249 24.76 3.18 -2.23
N VAL B 250 24.37 4.45 -2.08
CA VAL B 250 24.89 5.33 -1.00
C VAL B 250 24.51 4.72 0.35
N ILE B 251 23.25 4.32 0.50
CA ILE B 251 22.80 3.69 1.78
C ILE B 251 23.67 2.47 2.04
N ALA B 252 23.69 1.52 1.08
CA ALA B 252 24.50 0.28 1.18
C ALA B 252 25.91 0.60 1.68
N LYS B 253 26.50 1.72 1.21
CA LYS B 253 27.87 2.12 1.62
C LYS B 253 27.90 2.40 3.12
N TYR B 254 27.08 3.34 3.59
CA TYR B 254 27.06 3.74 5.03
C TYR B 254 26.64 2.54 5.91
N LEU B 255 25.86 1.59 5.39
CA LEU B 255 25.50 0.39 6.19
C LEU B 255 26.77 -0.41 6.41
N LYS B 256 27.39 -0.81 5.29
CA LYS B 256 28.64 -1.61 5.27
C LYS B 256 29.75 -0.87 6.02
N LYS B 257 29.79 0.46 5.91
CA LYS B 257 30.81 1.31 6.60
C LYS B 257 30.67 1.20 8.12
N ASN B 258 29.43 1.19 8.65
CA ASN B 258 29.23 1.10 10.12
C ASN B 258 29.09 -0.36 10.58
N ASN B 259 29.36 -1.32 9.67
CA ASN B 259 29.32 -2.77 10.00
C ASN B 259 27.97 -3.10 10.64
N VAL B 260 26.88 -2.55 10.09
CA VAL B 260 25.53 -2.84 10.67
C VAL B 260 25.30 -4.35 10.54
N THR B 261 24.94 -4.99 11.66
CA THR B 261 24.68 -6.45 11.68
C THR B 261 23.37 -6.73 12.42
N VAL B 262 22.51 -7.55 11.81
CA VAL B 262 21.21 -7.92 12.45
C VAL B 262 21.47 -9.17 13.30
N LYS B 263 21.37 -9.05 14.63
CA LYS B 263 21.63 -10.24 15.47
C LYS B 263 20.36 -11.08 15.61
N GLU B 264 19.18 -10.44 15.58
CA GLU B 264 17.91 -11.21 15.70
C GLU B 264 17.60 -11.84 14.34
N SER B 265 17.77 -13.16 14.21
CA SER B 265 17.53 -13.89 12.93
C SER B 265 16.11 -13.64 12.42
N ALA B 266 15.20 -13.18 13.30
CA ALA B 266 13.79 -12.92 12.91
C ALA B 266 13.72 -11.79 11.88
N PHE B 267 14.71 -10.90 11.85
CA PHE B 267 14.71 -9.75 10.89
C PHE B 267 15.87 -9.89 9.89
N ALA B 268 16.50 -11.07 9.85
CA ALA B 268 17.67 -11.36 8.98
C ALA B 268 17.70 -10.50 7.71
N SER B 269 16.70 -10.65 6.84
CA SER B 269 16.64 -9.90 5.55
C SER B 269 16.08 -8.48 5.74
N LEU B 270 16.55 -7.75 6.77
CA LEU B 270 16.06 -6.37 7.02
C LEU B 270 16.64 -5.42 5.97
N PHE B 271 17.95 -5.51 5.72
CA PHE B 271 18.60 -4.61 4.74
C PHE B 271 18.96 -5.40 3.46
N SER B 272 18.15 -6.40 3.10
CA SER B 272 18.39 -7.20 1.86
C SER B 272 18.24 -6.29 0.63
N GLN B 273 17.37 -5.29 0.71
CA GLN B 273 17.12 -4.30 -0.37
C GLN B 273 18.38 -3.49 -0.69
N PHE B 274 19.30 -3.36 0.26
CA PHE B 274 20.53 -2.53 0.08
C PHE B 274 21.78 -3.40 -0.15
N THR B 275 21.86 -4.56 0.51
CA THR B 275 23.02 -5.49 0.33
C THR B 275 22.87 -6.27 -1.00
N GLN B 276 22.13 -5.68 -1.96
CA GLN B 276 21.91 -6.25 -3.33
C GLN B 276 21.47 -5.11 -4.27
N SER C 8 -7.98 5.08 -30.86
CA SER C 8 -7.83 3.74 -31.51
C SER C 8 -6.37 3.52 -31.93
N LYS C 9 -5.51 3.17 -30.98
CA LYS C 9 -4.07 2.91 -31.25
C LYS C 9 -3.56 1.75 -30.40
N ASP C 10 -2.55 1.03 -30.90
CA ASP C 10 -1.95 -0.15 -30.25
C ASP C 10 -0.96 0.30 -29.18
N ILE C 11 -1.09 -0.26 -27.97
CA ILE C 11 -0.22 0.09 -26.80
C ILE C 11 0.93 -0.92 -26.74
N ILE C 12 0.59 -2.22 -26.78
CA ILE C 12 1.63 -3.29 -26.71
C ILE C 12 1.41 -4.24 -27.88
N THR C 13 2.52 -4.65 -28.52
CA THR C 13 2.52 -5.56 -29.68
C THR C 13 3.23 -6.86 -29.32
N LYS C 15 3.27 -11.39 -30.93
CA LYS C 15 2.99 -12.24 -32.07
C LYS C 15 1.49 -12.57 -32.17
N GLY C 16 0.90 -12.30 -33.35
CA GLY C 16 -0.50 -12.58 -33.68
C GLY C 16 -1.52 -11.88 -32.80
N ASP C 17 -1.13 -10.85 -32.04
CA ASP C 17 -2.13 -10.18 -31.15
C ASP C 17 -1.58 -8.82 -30.70
N THR C 18 -2.41 -8.04 -30.00
CA THR C 18 -2.01 -6.68 -29.55
C THR C 18 -2.98 -6.14 -28.47
N ILE C 19 -2.45 -5.32 -27.55
CA ILE C 19 -3.26 -4.66 -26.47
C ILE C 19 -3.62 -3.25 -26.94
N ARG C 20 -4.91 -2.96 -27.08
CA ARG C 20 -5.39 -1.63 -27.54
C ARG C 20 -5.96 -0.87 -26.32
N VAL C 21 -6.35 0.39 -26.50
CA VAL C 21 -6.91 1.20 -25.39
C VAL C 21 -8.19 0.54 -24.85
N SER C 22 -9.06 0.06 -25.74
CA SER C 22 -10.33 -0.58 -25.29
C SER C 22 -10.00 -1.73 -24.34
N ASP C 23 -9.01 -2.53 -24.72
CA ASP C 23 -8.56 -3.71 -23.91
C ASP C 23 -8.11 -3.23 -22.52
N LEU C 24 -7.44 -2.07 -22.46
CA LEU C 24 -6.97 -1.52 -21.16
C LEU C 24 -8.20 -1.08 -20.34
N TYR C 25 -9.07 -0.28 -20.95
CA TYR C 25 -10.28 0.22 -20.23
C TYR C 25 -11.09 -0.96 -19.66
N LYS C 26 -11.11 -2.11 -20.35
CA LYS C 26 -11.88 -3.28 -19.84
C LYS C 26 -11.25 -3.77 -18.53
N GLU C 27 -9.92 -3.76 -18.45
CA GLU C 27 -9.20 -4.19 -17.22
C GLU C 27 -9.38 -3.10 -16.16
N ALA C 28 -9.34 -1.84 -16.57
CA ALA C 28 -9.51 -0.70 -15.63
C ALA C 28 -10.85 -0.85 -14.89
N LYS C 29 -11.91 -1.23 -15.60
CA LYS C 29 -13.25 -1.40 -14.99
C LYS C 29 -13.27 -2.60 -14.04
N GLN C 30 -12.43 -3.61 -14.31
CA GLN C 30 -12.39 -4.83 -13.46
C GLN C 30 -11.52 -4.59 -12.22
N PHE C 31 -10.54 -3.68 -12.29
CA PHE C 31 -9.64 -3.40 -11.14
C PHE C 31 -9.40 -1.90 -11.01
N PRO C 32 -10.44 -1.12 -10.67
CA PRO C 32 -10.30 0.34 -10.56
C PRO C 32 -9.22 0.81 -9.57
N SER C 33 -8.88 -0.03 -8.59
CA SER C 33 -7.87 0.32 -7.56
C SER C 33 -6.44 0.08 -8.08
N GLN C 34 -6.25 -0.83 -9.05
CA GLN C 34 -4.91 -1.14 -9.60
C GLN C 34 -4.45 -0.06 -10.59
N PRO C 35 -3.13 0.25 -10.63
CA PRO C 35 -2.59 1.26 -11.55
C PRO C 35 -2.48 0.74 -12.99
N THR C 36 -2.41 1.68 -13.94
CA THR C 36 -2.32 1.38 -15.39
C THR C 36 -1.21 0.35 -15.66
N ASN C 37 -0.01 0.58 -15.11
CA ASN C 37 1.14 -0.35 -15.30
C ASN C 37 0.73 -1.79 -15.00
N THR C 38 0.18 -2.02 -13.81
CA THR C 38 -0.24 -3.38 -13.40
C THR C 38 -1.27 -3.94 -14.40
N LEU C 39 -2.28 -3.14 -14.76
CA LEU C 39 -3.35 -3.60 -15.69
C LEU C 39 -2.70 -4.09 -16.99
N LEU C 40 -1.69 -3.39 -17.47
CA LEU C 40 -1.01 -3.76 -18.73
C LEU C 40 -0.16 -5.03 -18.52
N GLN C 41 0.67 -5.07 -17.49
CA GLN C 41 1.53 -6.26 -17.22
C GLN C 41 0.65 -7.53 -17.15
N ASN C 42 -0.36 -7.52 -16.28
CA ASN C 42 -1.27 -8.67 -16.09
C ASN C 42 -1.99 -9.03 -17.39
N LEU C 43 -2.46 -8.01 -18.12
CA LEU C 43 -3.19 -8.24 -19.39
C LEU C 43 -2.23 -8.86 -20.41
N THR C 44 -0.95 -8.53 -20.34
CA THR C 44 0.06 -9.11 -21.28
C THR C 44 0.31 -10.57 -20.88
N PHE C 45 0.60 -10.82 -19.60
CA PHE C 45 0.86 -12.20 -19.12
C PHE C 45 -0.35 -13.09 -19.45
N ASP C 46 -1.55 -12.59 -19.16
CA ASP C 46 -2.78 -13.36 -19.45
C ASP C 46 -2.77 -13.82 -20.91
N LYS C 47 -2.46 -12.91 -21.85
CA LYS C 47 -2.44 -13.24 -23.30
C LYS C 47 -1.32 -14.19 -23.68
N ILE C 48 -0.07 -13.89 -23.32
CA ILE C 48 1.10 -14.76 -23.71
C ILE C 48 0.98 -16.16 -23.09
N PHE C 49 0.45 -16.29 -21.86
CA PHE C 49 0.35 -17.63 -21.22
C PHE C 49 -0.92 -18.35 -21.69
N THR C 50 -1.93 -17.61 -22.16
CA THR C 50 -3.18 -18.25 -22.66
C THR C 50 -2.92 -18.86 -24.03
N LYS C 51 -1.96 -18.27 -24.75
CA LYS C 51 -1.59 -18.73 -26.12
C LYS C 51 -0.96 -20.12 -26.08
N ASP C 52 -0.36 -20.50 -24.93
CA ASP C 52 0.32 -21.82 -24.82
C ASP C 52 -0.28 -22.71 -23.72
N PHE C 53 -1.05 -22.17 -22.77
CA PHE C 53 -1.57 -23.03 -21.68
C PHE C 53 -3.05 -22.75 -21.37
N GLY C 54 -3.73 -22.04 -22.27
CA GLY C 54 -5.16 -21.69 -22.06
C GLY C 54 -6.06 -22.91 -21.98
N LYS C 55 -5.88 -23.88 -22.87
CA LYS C 55 -6.71 -25.11 -22.89
C LYS C 55 -6.48 -25.95 -21.63
N GLU C 56 -5.36 -25.72 -20.94
CA GLU C 56 -5.03 -26.49 -19.70
C GLU C 56 -5.67 -25.84 -18.46
N VAL C 57 -5.98 -24.54 -18.54
CA VAL C 57 -6.62 -23.84 -17.37
C VAL C 57 -7.86 -23.09 -17.86
N THR C 58 -8.96 -23.82 -18.12
CA THR C 58 -10.23 -23.20 -18.59
C THR C 58 -10.90 -22.43 -17.45
N ASP C 59 -11.91 -21.62 -17.77
CA ASP C 59 -12.65 -20.84 -16.74
C ASP C 59 -13.27 -21.79 -15.72
N LYS C 60 -13.64 -23.01 -16.14
CA LYS C 60 -14.22 -24.01 -15.21
C LYS C 60 -13.13 -24.51 -14.25
N ASP C 61 -11.92 -24.74 -14.77
CA ASP C 61 -10.78 -25.21 -13.91
C ASP C 61 -10.51 -24.14 -12.84
N VAL C 62 -10.57 -22.86 -13.22
CA VAL C 62 -10.35 -21.71 -12.29
C VAL C 62 -11.50 -21.64 -11.26
N SER C 63 -12.74 -21.49 -11.72
CA SER C 63 -13.91 -21.38 -10.80
C SER C 63 -14.02 -22.61 -9.89
N LYS C 64 -13.52 -23.77 -10.34
CA LYS C 64 -13.59 -25.00 -9.50
C LYS C 64 -12.59 -24.89 -8.34
N LYS C 65 -11.35 -24.47 -8.61
CA LYS C 65 -10.32 -24.36 -7.55
C LYS C 65 -10.71 -23.20 -6.60
N VAL C 66 -11.20 -22.09 -7.15
CA VAL C 66 -11.65 -20.92 -6.33
C VAL C 66 -12.68 -21.39 -5.31
N LYS C 67 -13.70 -22.14 -5.77
CA LYS C 67 -14.75 -22.61 -4.85
C LYS C 67 -14.13 -23.51 -3.77
N SER C 68 -13.26 -24.45 -4.15
CA SER C 68 -12.65 -25.36 -3.15
C SER C 68 -11.88 -24.56 -2.08
N ILE C 69 -11.30 -23.41 -2.45
CA ILE C 69 -10.54 -22.56 -1.48
C ILE C 69 -11.55 -21.81 -0.60
N LYS C 70 -12.55 -21.18 -1.24
CA LYS C 70 -13.60 -20.43 -0.49
C LYS C 70 -14.22 -21.35 0.58
N ASP C 71 -14.47 -22.61 0.22
CA ASP C 71 -15.07 -23.61 1.15
C ASP C 71 -14.15 -23.89 2.33
N GLN C 72 -12.83 -23.94 2.11
CA GLN C 72 -11.91 -24.23 3.25
C GLN C 72 -11.84 -23.02 4.19
N TYR C 73 -11.54 -21.82 3.68
CA TYR C 73 -11.49 -20.62 4.54
C TYR C 73 -12.84 -20.43 5.26
N GLY C 74 -13.94 -20.78 4.60
CA GLY C 74 -15.28 -20.62 5.20
C GLY C 74 -15.61 -19.15 5.42
N SER C 75 -16.02 -18.80 6.64
CA SER C 75 -16.39 -17.41 7.02
C SER C 75 -15.20 -16.45 6.96
N GLN C 76 -13.97 -16.97 7.09
CA GLN C 76 -12.74 -16.13 7.08
C GLN C 76 -12.39 -15.65 5.66
N PHE C 77 -12.91 -16.33 4.63
CA PHE C 77 -12.61 -15.99 3.20
C PHE C 77 -12.77 -14.49 2.92
N SER C 78 -13.83 -13.86 3.43
CA SER C 78 -14.05 -12.41 3.20
C SER C 78 -12.85 -11.60 3.70
N SER C 79 -12.51 -11.74 4.99
CA SER C 79 -11.39 -11.00 5.63
C SER C 79 -10.04 -11.48 5.08
N ALA C 80 -9.99 -12.67 4.47
CA ALA C 80 -8.73 -13.19 3.90
C ALA C 80 -8.44 -12.47 2.57
N LEU C 81 -9.50 -12.09 1.84
CA LEU C 81 -9.36 -11.36 0.55
C LEU C 81 -9.02 -9.89 0.83
N GLN C 82 -9.52 -9.33 1.93
CA GLN C 82 -9.23 -7.90 2.25
C GLN C 82 -7.72 -7.79 2.56
N GLN C 83 -7.16 -8.72 3.34
CA GLN C 83 -5.72 -8.69 3.69
C GLN C 83 -4.87 -8.70 2.40
N GLN C 84 -5.39 -9.28 1.32
CA GLN C 84 -4.67 -9.36 0.02
C GLN C 84 -5.05 -8.17 -0.87
N GLY C 85 -6.09 -7.41 -0.50
CA GLY C 85 -6.55 -6.25 -1.27
C GLY C 85 -7.37 -6.67 -2.48
N LEU C 86 -8.21 -7.71 -2.33
CA LEU C 86 -9.07 -8.23 -3.41
C LEU C 86 -10.52 -8.40 -2.94
N THR C 87 -11.44 -8.55 -3.89
CA THR C 87 -12.89 -8.78 -3.66
C THR C 87 -13.20 -10.21 -4.10
N GLU C 88 -14.37 -10.73 -3.74
CA GLU C 88 -14.71 -12.12 -4.17
C GLU C 88 -14.86 -12.12 -5.70
N ALA C 89 -15.24 -10.98 -6.28
CA ALA C 89 -15.44 -10.87 -7.75
C ALA C 89 -14.08 -10.76 -8.48
N SER C 90 -13.14 -10.00 -7.92
CA SER C 90 -11.81 -9.82 -8.56
C SER C 90 -10.86 -10.98 -8.22
N PHE C 91 -11.30 -11.91 -7.37
CA PHE C 91 -10.44 -13.06 -6.98
C PHE C 91 -10.35 -14.10 -8.11
N THR C 92 -11.46 -14.32 -8.82
CA THR C 92 -11.49 -15.33 -9.93
C THR C 92 -10.47 -14.94 -11.01
N PRO C 93 -10.61 -13.76 -11.67
CA PRO C 93 -9.65 -13.35 -12.70
C PRO C 93 -8.19 -13.26 -12.19
N TYR C 94 -8.01 -12.95 -10.90
CA TYR C 94 -6.64 -12.90 -10.29
C TYR C 94 -6.07 -14.31 -10.23
N ARG C 96 -6.98 -16.72 -12.17
CA ARG C 96 -6.80 -17.15 -13.55
C ARG C 96 -5.39 -16.81 -14.01
N THR C 97 -4.96 -15.56 -13.78
CA THR C 97 -3.59 -15.12 -14.21
C THR C 97 -2.53 -15.90 -13.44
N GLN C 98 -2.74 -16.14 -12.14
CA GLN C 98 -1.79 -16.89 -11.28
C GLN C 98 -1.68 -18.35 -11.72
N LEU C 100 -2.37 -19.43 -14.95
CA LEU C 100 -1.79 -19.45 -16.28
C LEU C 100 -0.26 -19.31 -16.15
N GLU C 101 0.17 -18.40 -15.29
CA GLU C 101 1.61 -18.15 -15.03
C GLU C 101 2.21 -19.41 -14.38
N GLN C 102 1.45 -20.09 -13.52
CA GLN C 102 1.95 -21.33 -12.86
C GLN C 102 2.07 -22.45 -13.91
N ALA C 103 1.18 -22.48 -14.90
CA ALA C 103 1.22 -23.53 -15.96
C ALA C 103 2.53 -23.41 -16.75
N ALA C 104 3.00 -22.18 -16.95
CA ALA C 104 4.26 -21.92 -17.70
C ALA C 104 5.47 -22.33 -16.85
N ILE C 105 5.46 -22.02 -15.56
CA ILE C 105 6.60 -22.37 -14.67
C ILE C 105 6.67 -23.91 -14.57
N ASP C 106 5.54 -24.56 -14.27
CA ASP C 106 5.47 -26.05 -14.15
C ASP C 106 6.00 -26.68 -15.43
N HIS C 107 5.55 -26.21 -16.59
CA HIS C 107 6.00 -26.74 -17.89
C HIS C 107 7.52 -26.55 -18.07
N GLU C 108 8.04 -25.37 -17.71
CA GLU C 108 9.50 -25.08 -17.83
C GLU C 108 10.31 -25.99 -16.88
N ILE C 109 9.79 -26.17 -15.65
CA ILE C 109 10.46 -27.05 -14.65
C ILE C 109 10.53 -28.47 -15.23
N LYS C 110 9.40 -29.01 -15.68
CA LYS C 110 9.31 -30.40 -16.24
C LYS C 110 10.21 -30.61 -17.47
N GLU C 111 10.35 -29.60 -18.33
CA GLU C 111 11.14 -29.77 -19.57
C GLU C 111 12.61 -29.38 -19.41
N THR C 112 13.07 -28.95 -18.23
CA THR C 112 14.50 -28.54 -18.16
C THR C 112 15.14 -28.71 -16.78
N GLN C 113 14.37 -28.82 -15.70
CA GLN C 113 14.98 -28.88 -14.34
C GLN C 113 15.14 -30.31 -13.80
N TYR C 114 14.48 -31.33 -14.39
CA TYR C 114 14.67 -32.68 -13.80
C TYR C 114 15.91 -33.34 -14.44
N THR C 115 17.05 -32.66 -14.33
CA THR C 115 18.35 -33.14 -14.86
C THR C 115 18.98 -34.08 -13.84
N ASP C 116 19.82 -35.01 -14.29
CA ASP C 116 20.50 -35.98 -13.40
C ASP C 116 21.20 -35.21 -12.25
N ALA C 117 21.89 -34.12 -12.57
CA ALA C 117 22.61 -33.30 -11.56
C ALA C 117 21.68 -32.85 -10.44
N ASN C 118 20.47 -32.38 -10.77
CA ASN C 118 19.49 -31.90 -9.75
C ASN C 118 18.87 -33.09 -9.00
N LEU C 119 18.65 -34.22 -9.70
CA LEU C 119 18.09 -35.43 -9.03
C LEU C 119 19.07 -35.90 -7.96
N LYS C 120 20.38 -35.92 -8.27
CA LYS C 120 21.43 -36.34 -7.31
C LYS C 120 21.49 -35.35 -6.15
N LYS C 121 21.36 -34.05 -6.43
CA LYS C 121 21.41 -33.00 -5.37
C LYS C 121 20.29 -33.27 -4.36
N ALA C 122 19.07 -33.57 -4.85
CA ALA C 122 17.91 -33.85 -3.98
C ALA C 122 18.09 -35.18 -3.25
N TRP C 123 18.68 -36.15 -3.95
CA TRP C 123 18.90 -37.53 -3.45
C TRP C 123 19.92 -37.59 -2.31
N GLU C 124 20.88 -36.64 -2.26
CA GLU C 124 21.92 -36.74 -1.18
C GLU C 124 21.29 -36.60 0.22
N SER C 125 20.19 -35.85 0.38
CA SER C 125 19.55 -35.71 1.72
C SER C 125 18.11 -36.23 1.71
N TYR C 126 17.73 -37.04 0.73
CA TYR C 126 16.33 -37.55 0.68
C TYR C 126 16.16 -38.79 1.57
N HIS C 127 14.95 -38.96 2.12
CA HIS C 127 14.57 -40.14 2.94
C HIS C 127 13.09 -40.40 2.67
N PRO C 128 12.69 -41.64 2.28
CA PRO C 128 11.30 -41.94 1.98
C PRO C 128 10.38 -41.94 3.21
N ASP C 129 9.07 -42.10 2.96
CA ASP C 129 8.01 -42.12 4.01
C ASP C 129 8.31 -43.17 5.09
N VAL C 130 8.00 -42.80 6.32
CA VAL C 130 8.12 -43.65 7.55
C VAL C 130 6.87 -43.34 8.37
N THR C 131 6.30 -44.34 9.02
CA THR C 131 5.08 -44.13 9.85
C THR C 131 5.49 -44.23 11.32
N ALA C 132 5.13 -43.25 12.14
CA ALA C 132 5.56 -43.30 13.56
C ALA C 132 4.78 -42.31 14.42
N TYR C 133 4.82 -42.53 15.72
CA TYR C 133 4.17 -41.63 16.71
C TYR C 133 5.13 -40.46 16.96
N VAL C 134 4.69 -39.24 16.64
CA VAL C 134 5.48 -38.00 16.84
C VAL C 134 4.71 -37.15 17.86
N VAL C 135 5.19 -37.10 19.10
CA VAL C 135 4.50 -36.34 20.18
C VAL C 135 5.34 -35.13 20.60
N SER C 136 4.75 -33.94 20.59
CA SER C 136 5.44 -32.67 20.99
C SER C 136 5.08 -32.33 22.45
N GLU C 137 6.00 -31.66 23.16
CA GLU C 137 5.82 -31.26 24.58
C GLU C 137 6.42 -29.86 24.74
N THR C 138 5.95 -29.07 25.71
CA THR C 138 6.52 -27.71 25.90
C THR C 138 7.71 -27.80 26.86
N SER C 139 7.51 -28.39 28.04
CA SER C 139 8.61 -28.50 29.03
C SER C 139 9.39 -29.80 28.79
N LYS C 140 10.69 -29.77 29.08
CA LYS C 140 11.54 -30.97 28.89
C LYS C 140 11.18 -32.02 29.95
N ASP C 141 10.94 -31.59 31.19
CA ASP C 141 10.61 -32.54 32.30
C ASP C 141 9.33 -33.31 31.96
N ALA C 142 8.36 -32.65 31.30
CA ALA C 142 7.10 -33.33 30.92
C ALA C 142 7.38 -34.44 29.91
N ALA C 143 8.20 -34.14 28.89
CA ALA C 143 8.56 -35.12 27.84
C ALA C 143 9.37 -36.28 28.44
N THR C 144 10.25 -35.97 29.40
CA THR C 144 11.09 -37.00 30.06
C THR C 144 10.20 -38.00 30.81
N LYS C 145 9.22 -37.52 31.57
CA LYS C 145 8.31 -38.40 32.34
C LYS C 145 7.42 -39.22 31.38
N ALA C 146 6.91 -38.60 30.31
CA ALA C 146 6.03 -39.29 29.34
C ALA C 146 6.78 -40.44 28.65
N LEU C 147 8.09 -40.23 28.41
CA LEU C 147 8.96 -41.24 27.75
C LEU C 147 9.26 -42.38 28.73
N ASP C 148 9.68 -42.05 29.96
CA ASP C 148 10.00 -43.08 30.99
C ASP C 148 8.75 -43.94 31.23
N ALA C 149 7.57 -43.32 31.22
CA ALA C 149 6.29 -44.04 31.43
C ALA C 149 6.01 -44.98 30.26
N ALA C 150 6.45 -44.62 29.05
CA ALA C 150 6.20 -45.46 27.85
C ALA C 150 7.20 -46.61 27.76
N LYS C 151 8.48 -46.38 28.13
CA LYS C 151 9.52 -47.44 28.05
C LYS C 151 9.55 -48.29 29.33
N LYS C 152 8.71 -47.95 30.32
CA LYS C 152 8.68 -48.70 31.60
C LYS C 152 8.25 -50.14 31.39
N ASP C 153 7.10 -50.36 30.76
CA ASP C 153 6.57 -51.73 30.50
C ASP C 153 5.60 -51.71 29.30
N ASP C 154 5.19 -52.89 28.85
CA ASP C 154 4.26 -53.03 27.69
C ASP C 154 2.93 -52.33 27.99
N ALA C 155 2.62 -52.15 29.28
CA ALA C 155 1.36 -51.47 29.70
C ALA C 155 1.46 -49.97 29.39
N GLY C 156 2.57 -49.34 29.80
CA GLY C 156 2.79 -47.90 29.56
C GLY C 156 2.95 -47.60 28.08
N LYS C 157 3.38 -48.60 27.31
CA LYS C 157 3.57 -48.44 25.84
C LYS C 157 2.19 -48.35 25.18
N ALA C 158 1.24 -49.15 25.65
CA ALA C 158 -0.14 -49.13 25.10
C ALA C 158 -0.80 -47.80 25.45
N SER C 159 -0.55 -47.30 26.67
CA SER C 159 -1.12 -46.00 27.14
C SER C 159 -0.64 -44.90 26.21
N PHE C 160 0.66 -44.90 25.90
CA PHE C 160 1.26 -43.88 25.00
C PHE C 160 0.61 -43.95 23.62
N GLU C 161 0.43 -45.17 23.11
CA GLU C 161 -0.16 -45.41 21.77
C GLU C 161 -1.65 -45.06 21.79
N LYS C 162 -2.36 -45.29 22.89
CA LYS C 162 -3.81 -44.96 22.95
C LYS C 162 -3.98 -43.44 23.13
N THR C 163 -3.26 -42.86 24.10
CA THR C 163 -3.42 -41.40 24.40
C THR C 163 -2.94 -40.57 23.19
N ASN C 164 -1.79 -40.91 22.60
CA ASN C 164 -1.25 -40.14 21.43
C ASN C 164 -1.61 -40.87 20.12
N ALA C 165 -2.84 -41.37 20.01
CA ALA C 165 -3.27 -42.14 18.82
C ALA C 165 -3.26 -41.29 17.54
N GLU C 166 -3.73 -40.04 17.62
N GLU C 166 -3.75 -40.04 17.60
CA GLU C 166 -3.79 -39.19 16.39
CA GLU C 166 -3.81 -39.18 16.39
C GLU C 166 -2.42 -38.56 16.09
C GLU C 166 -2.42 -38.58 16.08
N SER C 167 -1.40 -38.86 16.91
CA SER C 167 -0.04 -38.32 16.65
C SER C 167 0.71 -39.29 15.72
N LYS C 168 0.15 -40.48 15.49
CA LYS C 168 0.75 -41.47 14.56
C LYS C 168 0.61 -40.88 13.15
N VAL C 169 1.73 -40.53 12.54
CA VAL C 169 1.71 -39.89 11.18
C VAL C 169 2.70 -40.55 10.24
N THR C 170 2.68 -40.10 8.98
CA THR C 170 3.57 -40.58 7.90
C THR C 170 4.28 -39.35 7.32
N PHE C 171 5.60 -39.27 7.48
CA PHE C 171 6.36 -38.10 6.96
C PHE C 171 7.61 -38.58 6.24
N ASN C 172 8.22 -37.69 5.45
CA ASN C 172 9.45 -37.98 4.68
C ASN C 172 10.43 -36.81 4.91
N SER C 173 11.52 -36.73 4.14
CA SER C 173 12.51 -35.63 4.36
C SER C 173 11.95 -34.27 3.90
N THR C 174 10.89 -34.27 3.09
CA THR C 174 10.29 -32.99 2.60
C THR C 174 9.22 -32.47 3.57
N SER C 175 9.03 -33.13 4.71
CA SER C 175 8.00 -32.70 5.70
C SER C 175 8.32 -31.28 6.20
N THR C 176 7.28 -30.51 6.46
CA THR C 176 7.38 -29.11 6.97
C THR C 176 6.91 -29.11 8.43
N SER C 177 6.05 -30.07 8.80
CA SER C 177 5.52 -30.18 10.19
C SER C 177 6.58 -30.79 11.12
N VAL C 178 7.24 -31.88 10.71
CA VAL C 178 8.28 -32.53 11.56
C VAL C 178 9.60 -31.79 11.37
N PRO C 179 10.20 -31.21 12.44
CA PRO C 179 11.48 -30.49 12.33
C PRO C 179 12.67 -31.42 11.99
N THR C 180 13.74 -30.84 11.44
CA THR C 180 14.95 -31.61 11.02
C THR C 180 15.52 -32.42 12.19
N GLU C 181 15.73 -31.79 13.35
CA GLU C 181 16.31 -32.54 14.51
C GLU C 181 15.51 -33.82 14.74
N VAL C 182 14.17 -33.72 14.71
CA VAL C 182 13.26 -34.87 14.96
C VAL C 182 13.43 -35.91 13.84
N GLN C 183 13.38 -35.46 12.58
CA GLN C 183 13.53 -36.39 11.43
C GLN C 183 14.83 -37.19 11.58
N THR C 184 15.96 -36.50 11.76
CA THR C 184 17.29 -37.15 11.87
C THR C 184 17.27 -38.25 12.95
N ALA C 185 16.78 -37.94 14.15
CA ALA C 185 16.72 -38.93 15.25
C ALA C 185 15.74 -40.07 14.93
N ALA C 186 14.69 -39.78 14.13
CA ALA C 186 13.67 -40.79 13.78
C ALA C 186 14.19 -41.77 12.73
N PHE C 187 14.95 -41.29 11.75
CA PHE C 187 15.45 -42.22 10.69
C PHE C 187 16.51 -43.18 11.25
N LYS C 188 16.87 -43.07 12.53
CA LYS C 188 17.88 -43.99 13.16
C LYS C 188 17.17 -45.07 13.96
N LEU C 189 15.85 -44.93 14.16
CA LEU C 189 15.08 -45.90 14.99
C LEU C 189 14.65 -47.11 14.17
N LYS C 190 14.50 -48.24 14.87
CA LYS C 190 14.03 -49.52 14.29
C LYS C 190 12.56 -49.64 14.68
N ASN C 191 11.77 -50.39 13.93
CA ASN C 191 10.33 -50.54 14.26
C ASN C 191 10.17 -50.93 15.73
N GLY C 192 9.30 -50.22 16.45
CA GLY C 192 9.02 -50.49 17.87
C GLY C 192 9.92 -49.73 18.83
N GLU C 193 11.00 -49.12 18.33
CA GLU C 193 11.95 -48.38 19.21
C GLU C 193 11.48 -46.95 19.49
N PHE C 194 11.77 -46.46 20.70
CA PHE C 194 11.48 -45.08 21.15
C PHE C 194 12.76 -44.25 21.05
N SER C 195 12.61 -42.95 20.86
CA SER C 195 13.79 -42.04 20.76
C SER C 195 14.01 -41.39 22.12
N ASP C 196 15.10 -40.64 22.24
CA ASP C 196 15.37 -39.88 23.49
C ASP C 196 14.53 -38.61 23.37
N VAL C 197 14.52 -37.75 24.38
CA VAL C 197 13.74 -36.49 24.28
C VAL C 197 14.47 -35.62 23.24
N ILE C 198 13.86 -35.43 22.06
CA ILE C 198 14.49 -34.63 20.96
C ILE C 198 14.20 -33.15 21.20
N GLU C 199 15.24 -32.32 21.23
CA GLU C 199 15.12 -30.85 21.42
C GLU C 199 15.10 -30.20 20.03
N SER C 200 14.12 -29.33 19.77
CA SER C 200 14.03 -28.64 18.46
C SER C 200 13.74 -27.16 18.67
N THR C 201 14.63 -26.29 18.19
CA THR C 201 14.48 -24.82 18.32
C THR C 201 13.96 -24.25 16.99
N SER C 202 12.83 -23.55 17.02
CA SER C 202 12.21 -22.95 15.80
C SER C 202 13.04 -21.74 15.34
N SER C 203 13.39 -21.69 14.05
CA SER C 203 14.17 -20.57 13.46
C SER C 203 13.29 -19.32 13.31
N SER C 204 11.98 -19.50 13.11
CA SER C 204 11.02 -18.37 12.93
C SER C 204 10.76 -17.68 14.27
N THR C 205 10.04 -18.34 15.18
CA THR C 205 9.71 -17.78 16.51
C THR C 205 10.98 -17.68 17.37
N GLY C 206 11.47 -18.83 17.85
CA GLY C 206 12.66 -18.90 18.72
C GLY C 206 12.40 -19.80 19.92
N ALA C 207 11.22 -20.44 19.93
CA ALA C 207 10.79 -21.36 21.03
C ALA C 207 11.51 -22.71 20.89
N THR C 208 11.49 -23.50 21.97
CA THR C 208 12.16 -24.83 21.99
C THR C 208 11.15 -25.91 22.44
N SER C 209 10.75 -26.79 21.51
CA SER C 209 9.80 -27.90 21.79
C SER C 209 10.61 -29.16 22.16
N TYR C 210 9.95 -30.17 22.74
CA TYR C 210 10.61 -31.44 23.11
C TYR C 210 9.78 -32.61 22.54
N TYR C 211 10.26 -33.17 21.43
CA TYR C 211 9.59 -34.29 20.73
C TYR C 211 10.04 -35.65 21.25
N ILE C 212 9.14 -36.63 21.10
CA ILE C 212 9.29 -38.08 21.47
C ILE C 212 8.83 -38.84 20.23
N VAL C 213 9.66 -39.75 19.71
CA VAL C 213 9.24 -40.50 18.50
C VAL C 213 9.27 -42.00 18.78
N GLU C 214 8.27 -42.71 18.26
CA GLU C 214 8.18 -44.19 18.37
C GLU C 214 7.97 -44.72 16.96
N VAL C 216 7.14 -47.12 13.92
CA VAL C 216 6.15 -48.16 13.67
C VAL C 216 6.55 -48.89 12.39
N LYS C 217 6.75 -48.13 11.32
CA LYS C 217 7.18 -48.65 9.99
C LYS C 217 8.29 -47.73 9.48
N THR C 218 9.53 -48.21 9.52
CA THR C 218 10.68 -47.40 9.06
C THR C 218 10.91 -47.72 7.58
N SER C 219 11.93 -47.09 6.99
CA SER C 219 12.27 -47.29 5.55
C SER C 219 13.69 -46.77 5.30
N GLU C 220 14.27 -47.18 4.16
CA GLU C 220 15.62 -46.73 3.71
C GLU C 220 15.49 -46.35 2.24
N LYS C 221 16.27 -45.35 1.80
CA LYS C 221 16.19 -44.92 0.37
C LYS C 221 16.81 -45.99 -0.51
N GLY C 222 17.85 -46.67 0.00
CA GLY C 222 18.54 -47.73 -0.75
C GLY C 222 19.65 -47.17 -1.61
N THR C 223 20.02 -47.91 -2.67
CA THR C 223 21.09 -47.49 -3.61
C THR C 223 20.50 -47.09 -4.96
N ASP C 224 19.20 -47.31 -5.19
CA ASP C 224 18.59 -46.94 -6.48
C ASP C 224 17.77 -45.67 -6.32
N ASN C 226 16.46 -44.07 -8.86
CA ASN C 226 15.37 -44.12 -9.82
C ASN C 226 14.09 -44.65 -9.15
N LYS C 227 14.23 -45.40 -8.06
CA LYS C 227 13.02 -45.95 -7.36
C LYS C 227 12.18 -44.78 -6.84
N TYR C 228 12.83 -43.68 -6.47
CA TYR C 228 12.17 -42.46 -5.92
C TYR C 228 12.31 -41.28 -6.88
N LYS C 229 12.22 -41.58 -8.18
CA LYS C 229 12.34 -40.56 -9.26
C LYS C 229 11.20 -39.54 -9.16
N LYS C 230 9.96 -40.02 -9.08
CA LYS C 230 8.77 -39.13 -9.01
C LYS C 230 8.89 -38.21 -7.78
N GLU C 231 9.26 -38.78 -6.63
CA GLU C 231 9.39 -38.01 -5.36
C GLU C 231 10.44 -36.91 -5.53
N LEU C 232 11.60 -37.27 -6.09
CA LEU C 232 12.72 -36.31 -6.28
C LEU C 232 12.32 -35.22 -7.28
N GLN C 233 11.55 -35.58 -8.31
CA GLN C 233 11.10 -34.55 -9.30
C GLN C 233 10.22 -33.53 -8.57
N ASN C 234 9.35 -34.00 -7.66
CA ASN C 234 8.46 -33.11 -6.88
C ASN C 234 9.32 -32.26 -5.92
N VAL C 235 10.47 -32.79 -5.47
CA VAL C 235 11.37 -32.00 -4.57
C VAL C 235 11.95 -30.85 -5.39
N ILE C 236 12.39 -31.14 -6.61
CA ILE C 236 12.98 -30.11 -7.52
C ILE C 236 11.88 -29.11 -7.91
N LYS C 237 10.66 -29.61 -8.15
CA LYS C 237 9.53 -28.76 -8.56
C LYS C 237 9.22 -27.72 -7.48
N THR C 238 8.96 -28.16 -6.24
CA THR C 238 8.62 -27.20 -5.14
C THR C 238 9.75 -26.20 -4.90
N GLU C 239 11.01 -26.55 -5.17
CA GLU C 239 12.14 -25.60 -4.96
C GLU C 239 12.17 -24.53 -6.07
N LYS C 240 12.10 -24.96 -7.33
CA LYS C 240 12.17 -24.05 -8.51
C LYS C 240 11.00 -23.05 -8.52
N GLU C 241 9.80 -23.48 -8.09
CA GLU C 241 8.63 -22.56 -8.07
C GLU C 241 8.88 -21.38 -7.13
N GLN C 242 9.68 -21.62 -6.07
CA GLN C 242 10.01 -20.63 -5.01
C GLN C 242 11.32 -19.89 -5.29
N ASP C 243 12.01 -20.23 -6.39
CA ASP C 243 13.27 -19.53 -6.76
C ASP C 243 12.88 -18.33 -7.65
N THR C 244 12.67 -17.15 -7.02
CA THR C 244 12.24 -15.92 -7.71
C THR C 244 13.12 -15.68 -8.95
N THR C 245 14.41 -16.04 -8.88
CA THR C 245 15.32 -15.84 -10.05
C THR C 245 14.84 -16.68 -11.23
N PHE C 246 14.45 -17.94 -10.97
CA PHE C 246 13.97 -18.84 -12.05
C PHE C 246 12.65 -18.34 -12.61
N VAL C 247 11.69 -18.05 -11.74
CA VAL C 247 10.34 -17.56 -12.17
C VAL C 247 10.52 -16.32 -13.05
N SER C 248 11.25 -15.31 -12.56
CA SER C 248 11.45 -14.07 -13.36
C SER C 248 12.04 -14.46 -14.72
N GLY C 249 12.89 -15.48 -14.74
CA GLY C 249 13.51 -15.97 -15.99
C GLY C 249 12.45 -16.56 -16.90
N VAL C 250 11.50 -17.31 -16.34
CA VAL C 250 10.40 -17.93 -17.12
C VAL C 250 9.58 -16.82 -17.78
N ILE C 251 9.22 -15.80 -17.01
CA ILE C 251 8.44 -14.66 -17.59
C ILE C 251 9.25 -14.07 -18.76
N ALA C 252 10.48 -13.65 -18.47
CA ALA C 252 11.37 -13.06 -19.49
C ALA C 252 11.37 -13.90 -20.77
N LYS C 253 11.34 -15.22 -20.62
CA LYS C 253 11.36 -16.15 -21.79
C LYS C 253 10.09 -15.95 -22.63
N TYR C 254 8.91 -16.09 -22.02
CA TYR C 254 7.62 -15.94 -22.76
C TYR C 254 7.47 -14.52 -23.31
N LEU C 255 8.07 -13.52 -22.66
CA LEU C 255 8.00 -12.13 -23.22
C LEU C 255 8.80 -12.12 -24.53
N LYS C 256 10.08 -12.49 -24.44
CA LYS C 256 11.04 -12.58 -25.58
C LYS C 256 10.47 -13.50 -26.66
N LYS C 257 9.82 -14.59 -26.25
CA LYS C 257 9.25 -15.60 -27.19
C LYS C 257 8.13 -14.97 -28.03
N ASN C 258 7.28 -14.15 -27.42
CA ASN C 258 6.15 -13.51 -28.16
C ASN C 258 6.56 -12.13 -28.69
N ASN C 259 7.86 -11.79 -28.62
CA ASN C 259 8.36 -10.48 -29.12
C ASN C 259 7.51 -9.33 -28.54
N VAL C 260 7.20 -9.40 -27.24
CA VAL C 260 6.37 -8.35 -26.60
C VAL C 260 7.11 -7.01 -26.72
N THR C 261 6.43 -6.00 -27.25
CA THR C 261 7.04 -4.65 -27.46
C THR C 261 6.07 -3.56 -26.99
N VAL C 262 6.57 -2.57 -26.26
CA VAL C 262 5.71 -1.45 -25.80
C VAL C 262 5.78 -0.35 -26.87
N LYS C 263 4.68 -0.08 -27.58
CA LYS C 263 4.70 0.99 -28.63
C LYS C 263 4.50 2.36 -28.00
N GLU C 264 3.69 2.47 -26.95
CA GLU C 264 3.44 3.77 -26.28
C GLU C 264 4.67 4.09 -25.40
N SER C 265 5.49 5.04 -25.83
CA SER C 265 6.73 5.41 -25.09
C SER C 265 6.42 5.81 -23.65
N ALA C 266 5.15 6.13 -23.35
CA ALA C 266 4.75 6.53 -21.99
C ALA C 266 4.93 5.38 -21.00
N PHE C 267 4.92 4.12 -21.47
CA PHE C 267 5.07 2.94 -20.57
C PHE C 267 6.36 2.19 -20.90
N ALA C 268 7.24 2.81 -21.68
CA ALA C 268 8.52 2.21 -22.15
C ALA C 268 9.08 1.17 -21.16
N SER C 269 9.42 1.59 -19.93
CA SER C 269 10.02 0.68 -18.92
C SER C 269 8.96 -0.15 -18.18
N LEU C 270 7.98 -0.70 -18.91
CA LEU C 270 6.90 -1.51 -18.27
C LEU C 270 7.45 -2.86 -17.81
N PHE C 271 8.20 -3.56 -18.67
CA PHE C 271 8.74 -4.90 -18.31
C PHE C 271 10.23 -4.83 -17.99
N SER C 272 10.75 -3.67 -17.55
CA SER C 272 12.20 -3.55 -17.23
C SER C 272 12.55 -4.46 -16.03
N GLN C 273 11.61 -4.62 -15.09
CA GLN C 273 11.81 -5.46 -13.88
C GLN C 273 11.96 -6.94 -14.25
N PHE C 274 11.48 -7.36 -15.42
CA PHE C 274 11.55 -8.79 -15.82
C PHE C 274 12.64 -9.07 -16.86
N THR C 275 12.88 -8.12 -17.78
CA THR C 275 13.88 -8.35 -18.87
C THR C 275 15.13 -7.49 -18.66
N GLN C 276 16.16 -8.02 -17.99
CA GLN C 276 17.42 -7.25 -17.76
C GLN C 276 18.63 -8.17 -18.02
N SER D 8 9.84 -1.52 30.04
CA SER D 8 9.49 -2.78 30.75
C SER D 8 8.22 -2.59 31.59
N LYS D 9 7.36 -1.65 31.19
CA LYS D 9 6.13 -1.35 31.97
C LYS D 9 4.93 -2.00 31.26
N ASP D 10 3.72 -1.79 31.79
CA ASP D 10 2.47 -2.37 31.21
C ASP D 10 1.97 -1.44 30.09
N ILE D 11 1.63 -2.02 28.94
CA ILE D 11 1.09 -1.23 27.78
C ILE D 11 -0.43 -1.28 27.85
N ILE D 12 -0.99 -2.49 27.99
CA ILE D 12 -2.47 -2.67 28.04
C ILE D 12 -2.82 -3.48 29.28
N THR D 13 -3.90 -3.09 29.96
CA THR D 13 -4.41 -3.73 31.20
C THR D 13 -5.78 -4.35 30.94
N LYS D 15 -8.57 -7.79 32.82
CA LYS D 15 -8.83 -8.64 33.98
C LYS D 15 -7.93 -9.88 33.96
N GLY D 16 -7.22 -10.09 35.06
CA GLY D 16 -6.33 -11.27 35.27
C GLY D 16 -5.16 -11.36 34.31
N ASP D 17 -4.82 -10.29 33.58
CA ASP D 17 -3.66 -10.39 32.64
C ASP D 17 -3.24 -8.97 32.22
N THR D 18 -2.15 -8.86 31.46
CA THR D 18 -1.62 -7.54 31.00
C THR D 18 -0.59 -7.73 29.87
N ILE D 19 -0.56 -6.81 28.90
CA ILE D 19 0.40 -6.85 27.76
C ILE D 19 1.61 -5.98 28.10
N ARG D 20 2.79 -6.58 28.15
CA ARG D 20 4.04 -5.85 28.47
C ARG D 20 4.84 -5.63 27.18
N VAL D 21 5.93 -4.88 27.27
CA VAL D 21 6.79 -4.61 26.07
C VAL D 21 7.36 -5.93 25.54
N SER D 22 7.81 -6.82 26.44
CA SER D 22 8.38 -8.13 26.00
C SER D 22 7.34 -8.87 25.15
N ASP D 23 6.09 -8.88 25.61
CA ASP D 23 4.97 -9.56 24.90
C ASP D 23 4.81 -8.95 23.50
N LEU D 24 4.98 -7.63 23.38
CA LEU D 24 4.87 -6.96 22.05
C LEU D 24 6.04 -7.39 21.17
N TYR D 25 7.26 -7.27 21.68
CA TYR D 25 8.46 -7.63 20.89
C TYR D 25 8.36 -9.07 20.39
N LYS D 26 7.73 -9.96 21.16
CA LYS D 26 7.59 -11.38 20.70
C LYS D 26 6.72 -11.42 19.45
N GLU D 27 5.66 -10.61 19.41
CA GLU D 27 4.75 -10.57 18.23
C GLU D 27 5.48 -9.86 17.10
N ALA D 28 6.25 -8.81 17.42
CA ALA D 28 7.01 -8.04 16.40
C ALA D 28 7.94 -8.99 15.62
N LYS D 29 8.60 -9.90 16.33
CA LYS D 29 9.54 -10.87 15.69
C LYS D 29 8.77 -11.87 14.82
N GLN D 30 7.52 -12.15 15.17
CA GLN D 30 6.72 -13.15 14.41
C GLN D 30 6.05 -12.49 13.20
N PHE D 31 5.81 -11.17 13.25
CA PHE D 31 5.16 -10.45 12.13
C PHE D 31 5.86 -9.12 11.89
N PRO D 32 7.13 -9.13 11.44
CA PRO D 32 7.87 -7.89 11.19
C PRO D 32 7.20 -6.93 10.18
N SER D 33 6.35 -7.46 9.30
CA SER D 33 5.65 -6.62 8.27
C SER D 33 4.41 -5.94 8.85
N GLN D 34 3.81 -6.49 9.92
CA GLN D 34 2.59 -5.90 10.56
C GLN D 34 2.98 -4.73 11.46
N PRO D 35 2.15 -3.65 11.52
CA PRO D 35 2.44 -2.48 12.35
C PRO D 35 2.16 -2.73 13.84
N THR D 36 2.78 -1.93 14.71
CA THR D 36 2.66 -2.04 16.18
C THR D 36 1.17 -2.11 16.58
N ASN D 37 0.34 -1.22 16.05
CA ASN D 37 -1.12 -1.21 16.37
C ASN D 37 -1.71 -2.60 16.17
N THR D 38 -1.53 -3.19 14.99
CA THR D 38 -2.08 -4.53 14.69
C THR D 38 -1.53 -5.56 15.70
N LEU D 39 -0.22 -5.55 15.95
CA LEU D 39 0.39 -6.53 16.89
C LEU D 39 -0.31 -6.45 18.26
N LEU D 40 -0.63 -5.24 18.70
CA LEU D 40 -1.31 -5.04 20.01
C LEU D 40 -2.78 -5.53 19.92
N GLN D 41 -3.52 -5.08 18.91
CA GLN D 41 -4.94 -5.49 18.74
C GLN D 41 -5.05 -7.02 18.75
N ASN D 42 -4.30 -7.68 17.87
CA ASN D 42 -4.32 -9.17 17.75
C ASN D 42 -3.91 -9.82 19.05
N LEU D 43 -2.86 -9.29 19.69
CA LEU D 43 -2.37 -9.88 20.97
C LEU D 43 -3.45 -9.73 22.05
N THR D 44 -4.24 -8.65 21.98
CA THR D 44 -5.34 -8.43 22.96
C THR D 44 -6.47 -9.43 22.67
N PHE D 45 -6.92 -9.49 21.41
CA PHE D 45 -8.01 -10.41 21.02
C PHE D 45 -7.63 -11.84 21.38
N ASP D 46 -6.40 -12.24 21.06
CA ASP D 46 -5.90 -13.60 21.37
C ASP D 46 -6.15 -13.89 22.85
N LYS D 47 -5.77 -12.97 23.74
CA LYS D 47 -5.94 -13.18 25.21
C LYS D 47 -7.41 -13.22 25.63
N ILE D 48 -8.18 -12.17 25.30
CA ILE D 48 -9.61 -12.09 25.74
C ILE D 48 -10.45 -13.25 25.16
N PHE D 49 -10.16 -13.68 23.92
CA PHE D 49 -10.98 -14.77 23.31
C PHE D 49 -10.45 -16.14 23.71
N THR D 50 -9.20 -16.24 24.16
CA THR D 50 -8.68 -17.57 24.62
C THR D 50 -9.28 -17.86 26.00
N LYS D 51 -9.59 -16.80 26.75
CA LYS D 51 -10.15 -16.92 28.12
C LYS D 51 -11.56 -17.50 28.06
N ASP D 52 -12.27 -17.34 26.94
CA ASP D 52 -13.68 -17.84 26.83
C ASP D 52 -13.85 -18.89 25.72
N PHE D 53 -12.93 -19.01 24.76
CA PHE D 53 -13.15 -19.97 23.65
C PHE D 53 -11.86 -20.74 23.32
N GLY D 54 -10.89 -20.76 24.25
CA GLY D 54 -9.62 -21.49 24.05
C GLY D 54 -9.85 -22.99 23.84
N LYS D 55 -10.72 -23.61 24.65
CA LYS D 55 -11.02 -25.06 24.54
C LYS D 55 -11.73 -25.37 23.22
N GLU D 56 -12.30 -24.37 22.55
CA GLU D 56 -13.04 -24.58 21.27
C GLU D 56 -12.08 -24.50 20.08
N VAL D 57 -10.88 -23.91 20.27
CA VAL D 57 -9.90 -23.78 19.14
C VAL D 57 -8.54 -24.36 19.58
N THR D 58 -8.41 -25.69 19.61
CA THR D 58 -7.15 -26.34 20.04
C THR D 58 -6.09 -26.20 18.94
N ASP D 59 -4.84 -26.49 19.27
CA ASP D 59 -3.72 -26.40 18.29
C ASP D 59 -3.99 -27.38 17.15
N LYS D 60 -4.67 -28.50 17.43
CA LYS D 60 -4.99 -29.50 16.38
C LYS D 60 -6.05 -28.92 15.44
N ASP D 61 -7.06 -28.22 15.99
CA ASP D 61 -8.13 -27.60 15.16
C ASP D 61 -7.47 -26.61 14.18
N VAL D 62 -6.51 -25.84 14.68
CA VAL D 62 -5.78 -24.80 13.88
C VAL D 62 -4.93 -25.48 12.80
N SER D 63 -3.97 -26.33 13.22
CA SER D 63 -3.06 -27.02 12.27
C SER D 63 -3.85 -27.83 11.22
N LYS D 64 -5.05 -28.31 11.60
CA LYS D 64 -5.86 -29.12 10.66
C LYS D 64 -6.43 -28.23 9.55
N LYS D 65 -6.99 -27.08 9.92
CA LYS D 65 -7.60 -26.17 8.91
C LYS D 65 -6.49 -25.57 8.05
N VAL D 66 -5.36 -25.21 8.66
CA VAL D 66 -4.22 -24.61 7.88
C VAL D 66 -3.81 -25.59 6.78
N LYS D 67 -3.62 -26.87 7.13
CA LYS D 67 -3.20 -27.88 6.12
C LYS D 67 -4.26 -27.97 5.01
N SER D 68 -5.54 -28.06 5.37
CA SER D 68 -6.62 -28.19 4.34
C SER D 68 -6.59 -27.00 3.37
N ILE D 69 -6.20 -25.81 3.86
CA ILE D 69 -6.15 -24.58 3.00
C ILE D 69 -4.88 -24.65 2.13
N LYS D 70 -3.74 -24.97 2.75
CA LYS D 70 -2.45 -25.07 2.00
C LYS D 70 -2.64 -26.03 0.82
N ASP D 71 -3.32 -27.16 1.06
CA ASP D 71 -3.55 -28.19 0.02
C ASP D 71 -4.41 -27.64 -1.12
N GLN D 72 -5.40 -26.80 -0.82
CA GLN D 72 -6.27 -26.27 -1.91
C GLN D 72 -5.50 -25.22 -2.74
N TYR D 73 -4.90 -24.21 -2.09
CA TYR D 73 -4.12 -23.19 -2.86
C TYR D 73 -3.00 -23.88 -3.66
N GLY D 74 -2.43 -24.97 -3.11
CA GLY D 74 -1.34 -25.67 -3.82
C GLY D 74 -0.12 -24.79 -3.95
N SER D 75 0.41 -24.66 -5.18
CA SER D 75 1.63 -23.86 -5.49
C SER D 75 1.40 -22.35 -5.24
N GLN D 76 0.15 -21.88 -5.31
CA GLN D 76 -0.16 -20.44 -5.11
C GLN D 76 -0.05 -20.03 -3.64
N PHE D 77 -0.16 -21.00 -2.72
CA PHE D 77 -0.14 -20.73 -1.25
C PHE D 77 1.02 -19.80 -0.85
N SER D 78 2.23 -20.03 -1.37
CA SER D 78 3.39 -19.19 -0.99
C SER D 78 3.12 -17.72 -1.34
N SER D 79 2.81 -17.45 -2.62
CA SER D 79 2.55 -16.07 -3.12
C SER D 79 1.25 -15.51 -2.53
N ALA D 80 0.36 -16.38 -2.05
CA ALA D 80 -0.91 -15.92 -1.45
C ALA D 80 -0.64 -15.36 -0.05
N LEU D 81 0.35 -15.93 0.66
CA LEU D 81 0.73 -15.47 2.03
C LEU D 81 1.53 -14.17 1.92
N GLN D 82 2.30 -13.99 0.85
CA GLN D 82 3.11 -12.75 0.70
C GLN D 82 2.14 -11.56 0.51
N GLN D 83 1.12 -11.73 -0.32
CA GLN D 83 0.12 -10.65 -0.57
C GLN D 83 -0.53 -10.25 0.76
N GLN D 84 -0.60 -11.15 1.74
CA GLN D 84 -1.21 -10.87 3.07
C GLN D 84 -0.13 -10.42 4.07
N GLY D 85 1.15 -10.55 3.69
CA GLY D 85 2.27 -10.14 4.57
C GLY D 85 2.56 -11.18 5.64
N LEU D 86 2.46 -12.46 5.31
CA LEU D 86 2.69 -13.59 6.26
C LEU D 86 3.64 -14.62 5.65
N THR D 87 4.17 -15.50 6.50
CA THR D 87 5.07 -16.62 6.12
C THR D 87 4.29 -17.91 6.40
N GLU D 88 4.74 -19.05 5.91
CA GLU D 88 4.01 -20.31 6.18
C GLU D 88 4.08 -20.61 7.69
N ALA D 89 5.15 -20.14 8.36
CA ALA D 89 5.32 -20.39 9.81
C ALA D 89 4.43 -19.45 10.63
N SER D 90 4.32 -18.18 10.22
CA SER D 90 3.50 -17.18 10.96
C SER D 90 2.02 -17.29 10.58
N PHE D 91 1.68 -18.17 9.63
CA PHE D 91 0.26 -18.32 9.20
C PHE D 91 -0.55 -19.10 10.25
N THR D 92 0.07 -20.10 10.88
CA THR D 92 -0.61 -20.93 11.92
C THR D 92 -1.09 -20.03 13.07
N PRO D 93 -0.20 -19.34 13.82
CA PRO D 93 -0.63 -18.47 14.92
C PRO D 93 -1.58 -17.34 14.48
N TYR D 94 -1.47 -16.88 13.22
CA TYR D 94 -2.39 -15.83 12.68
C TYR D 94 -3.79 -16.43 12.53
N ARG D 96 -4.84 -18.93 14.27
CA ARG D 96 -5.32 -19.22 15.62
C ARG D 96 -6.11 -18.01 16.15
N THR D 97 -5.56 -16.80 16.02
CA THR D 97 -6.26 -15.56 16.50
C THR D 97 -7.56 -15.35 15.70
N GLN D 98 -7.52 -15.60 14.38
CA GLN D 98 -8.72 -15.42 13.49
C GLN D 98 -9.81 -16.43 13.85
N LEU D 100 -10.13 -17.85 16.99
CA LEU D 100 -10.59 -17.51 18.32
C LEU D 100 -11.61 -16.38 18.22
N GLU D 101 -11.30 -15.38 17.39
CA GLU D 101 -12.17 -14.20 17.14
C GLU D 101 -13.47 -14.70 16.48
N GLN D 102 -13.35 -15.68 15.58
CA GLN D 102 -14.56 -16.21 14.89
C GLN D 102 -15.42 -17.01 15.90
N ALA D 103 -14.80 -17.68 16.86
CA ALA D 103 -15.54 -18.46 17.88
C ALA D 103 -16.43 -17.52 18.69
N ALA D 104 -15.96 -16.30 18.97
CA ALA D 104 -16.72 -15.30 19.74
C ALA D 104 -17.90 -14.76 18.90
N ILE D 105 -17.66 -14.48 17.61
CA ILE D 105 -18.73 -13.95 16.71
C ILE D 105 -19.80 -15.04 16.55
N ASP D 106 -19.38 -16.26 16.20
CA ASP D 106 -20.31 -17.42 16.02
C ASP D 106 -21.17 -17.60 17.27
N HIS D 107 -20.54 -17.60 18.45
CA HIS D 107 -21.26 -17.75 19.74
C HIS D 107 -22.28 -16.61 19.93
N GLU D 108 -21.87 -15.36 19.63
CA GLU D 108 -22.78 -14.19 19.81
C GLU D 108 -23.94 -14.28 18.80
N ILE D 109 -23.65 -14.69 17.56
CA ILE D 109 -24.69 -14.86 16.51
C ILE D 109 -25.72 -15.90 16.99
N LYS D 110 -25.27 -17.07 17.40
CA LYS D 110 -26.14 -18.18 17.86
C LYS D 110 -26.98 -17.80 19.09
N GLU D 111 -26.44 -17.01 20.01
CA GLU D 111 -27.19 -16.68 21.26
C GLU D 111 -28.00 -15.39 21.14
N THR D 112 -28.01 -14.69 19.99
CA THR D 112 -28.80 -13.41 19.97
C THR D 112 -29.32 -13.00 18.59
N GLN D 113 -28.80 -13.56 17.51
CA GLN D 113 -29.25 -13.11 16.15
C GLN D 113 -30.34 -14.02 15.55
N TYR D 114 -30.58 -15.22 16.08
CA TYR D 114 -31.63 -16.05 15.44
C TYR D 114 -33.00 -15.70 16.06
N THR D 115 -33.33 -14.40 16.03
CA THR D 115 -34.62 -13.88 16.59
C THR D 115 -35.71 -14.03 15.53
N ASP D 116 -36.97 -14.12 15.97
CA ASP D 116 -38.13 -14.27 15.05
C ASP D 116 -38.08 -13.17 13.97
N ALA D 117 -37.79 -11.93 14.37
CA ALA D 117 -37.73 -10.79 13.42
C ALA D 117 -36.74 -11.08 12.28
N ASN D 118 -35.56 -11.60 12.59
CA ASN D 118 -34.51 -11.90 11.56
C ASN D 118 -34.91 -13.14 10.75
N LEU D 119 -35.55 -14.13 11.39
CA LEU D 119 -35.99 -15.34 10.66
C LEU D 119 -37.01 -14.94 9.59
N LYS D 120 -37.96 -14.06 9.94
CA LYS D 120 -38.99 -13.58 8.98
C LYS D 120 -38.33 -12.76 7.88
N LYS D 121 -37.34 -11.94 8.22
CA LYS D 121 -36.64 -11.10 7.21
C LYS D 121 -36.00 -12.01 6.16
N ALA D 122 -35.32 -13.07 6.60
CA ALA D 122 -34.65 -14.04 5.69
C ALA D 122 -35.69 -14.85 4.91
N TRP D 123 -36.79 -15.18 5.56
CA TRP D 123 -37.90 -16.00 4.99
C TRP D 123 -38.65 -15.27 3.87
N GLU D 124 -38.68 -13.92 3.90
CA GLU D 124 -39.40 -13.13 2.86
C GLU D 124 -38.90 -13.48 1.45
N SER D 125 -37.59 -13.66 1.27
CA SER D 125 -37.02 -13.95 -0.07
C SER D 125 -36.33 -15.31 -0.11
N TYR D 126 -36.62 -16.21 0.82
CA TYR D 126 -35.96 -17.53 0.83
C TYR D 126 -36.68 -18.51 -0.13
N HIS D 127 -35.88 -19.42 -0.70
CA HIS D 127 -36.38 -20.51 -1.57
C HIS D 127 -35.48 -21.71 -1.33
N PRO D 128 -36.03 -22.90 -1.01
CA PRO D 128 -35.21 -24.08 -0.73
C PRO D 128 -34.49 -24.65 -1.96
N ASP D 129 -33.65 -25.65 -1.73
CA ASP D 129 -32.85 -26.32 -2.79
C ASP D 129 -33.74 -26.86 -3.91
N VAL D 130 -33.24 -26.74 -5.14
CA VAL D 130 -33.87 -27.24 -6.39
C VAL D 130 -32.71 -27.82 -7.22
N THR D 131 -32.92 -28.92 -7.92
CA THR D 131 -31.85 -29.54 -8.74
C THR D 131 -32.20 -29.28 -10.21
N ALA D 132 -31.26 -28.77 -10.99
CA ALA D 132 -31.58 -28.46 -12.41
C ALA D 132 -30.32 -28.21 -13.24
N TYR D 133 -30.46 -28.31 -14.56
CA TYR D 133 -29.35 -28.05 -15.50
C TYR D 133 -29.27 -26.54 -15.72
N VAL D 134 -28.13 -25.94 -15.37
CA VAL D 134 -27.90 -24.47 -15.55
C VAL D 134 -26.74 -24.33 -16.54
N VAL D 135 -27.05 -23.93 -17.78
CA VAL D 135 -25.99 -23.81 -18.84
C VAL D 135 -25.82 -22.33 -19.24
N SER D 136 -24.58 -21.83 -19.21
CA SER D 136 -24.26 -20.43 -19.59
C SER D 136 -23.75 -20.38 -21.04
N GLU D 137 -23.98 -19.25 -21.71
CA GLU D 137 -23.55 -19.00 -23.12
C GLU D 137 -23.06 -17.56 -23.24
N THR D 138 -22.17 -17.27 -24.20
CA THR D 138 -21.68 -15.87 -24.35
C THR D 138 -22.61 -15.11 -25.29
N SER D 139 -22.84 -15.64 -26.50
CA SER D 139 -23.72 -14.97 -27.49
C SER D 139 -25.17 -15.40 -27.26
N LYS D 140 -26.12 -14.51 -27.57
CA LYS D 140 -27.56 -14.83 -27.41
C LYS D 140 -27.97 -15.84 -28.48
N ASP D 141 -27.46 -15.67 -29.72
CA ASP D 141 -27.81 -16.56 -30.86
C ASP D 141 -27.41 -18.00 -30.52
N ALA D 142 -26.27 -18.20 -29.84
CA ALA D 142 -25.79 -19.55 -29.47
C ALA D 142 -26.77 -20.20 -28.50
N ALA D 143 -27.21 -19.45 -27.49
CA ALA D 143 -28.16 -19.94 -26.46
C ALA D 143 -29.52 -20.25 -27.12
N THR D 144 -29.95 -19.40 -28.07
CA THR D 144 -31.25 -19.58 -28.76
C THR D 144 -31.25 -20.90 -29.54
N LYS D 145 -30.17 -21.18 -30.28
CA LYS D 145 -30.09 -22.43 -31.09
C LYS D 145 -30.02 -23.65 -30.17
N ALA D 146 -29.24 -23.58 -29.09
CA ALA D 146 -29.08 -24.70 -28.14
C ALA D 146 -30.42 -25.05 -27.49
N LEU D 147 -31.26 -24.03 -27.24
CA LEU D 147 -32.58 -24.21 -26.60
C LEU D 147 -33.56 -24.82 -27.62
N ASP D 148 -33.62 -24.25 -28.83
CA ASP D 148 -34.53 -24.78 -29.88
C ASP D 148 -34.19 -26.25 -30.15
N ALA D 149 -32.91 -26.58 -30.13
CA ALA D 149 -32.43 -27.97 -30.36
C ALA D 149 -32.87 -28.89 -29.21
N ALA D 150 -32.97 -28.36 -27.99
CA ALA D 150 -33.36 -29.16 -26.79
C ALA D 150 -34.88 -29.35 -26.73
N LYS D 151 -35.66 -28.32 -27.09
CA LYS D 151 -37.14 -28.42 -27.03
C LYS D 151 -37.71 -28.98 -28.35
N LYS D 152 -36.86 -29.25 -29.34
CA LYS D 152 -37.36 -29.77 -30.64
C LYS D 152 -37.99 -31.16 -30.45
N ASP D 153 -37.22 -32.10 -29.88
CA ASP D 153 -37.67 -33.50 -29.72
C ASP D 153 -37.01 -34.14 -28.48
N ASP D 154 -37.50 -35.33 -28.09
CA ASP D 154 -36.94 -36.08 -26.92
C ASP D 154 -35.47 -36.42 -27.18
N ALA D 155 -35.08 -36.47 -28.46
CA ALA D 155 -33.70 -36.78 -28.88
C ALA D 155 -32.79 -35.61 -28.54
N GLY D 156 -33.19 -34.39 -28.90
CA GLY D 156 -32.39 -33.18 -28.61
C GLY D 156 -32.32 -32.90 -27.13
N LYS D 157 -33.31 -33.38 -26.37
CA LYS D 157 -33.37 -33.19 -24.90
C LYS D 157 -32.27 -34.06 -24.27
N ALA D 158 -32.10 -35.30 -24.78
CA ALA D 158 -31.08 -36.22 -24.25
C ALA D 158 -29.68 -35.67 -24.58
N SER D 159 -29.53 -35.07 -25.77
CA SER D 159 -28.24 -34.48 -26.22
C SER D 159 -27.85 -33.37 -25.25
N PHE D 160 -28.81 -32.51 -24.91
CA PHE D 160 -28.60 -31.38 -23.97
C PHE D 160 -28.17 -31.92 -22.60
N GLU D 161 -28.87 -32.97 -22.14
CA GLU D 161 -28.59 -33.58 -20.81
C GLU D 161 -27.25 -34.32 -20.83
N LYS D 162 -26.87 -34.93 -21.96
CA LYS D 162 -25.56 -35.66 -22.02
C LYS D 162 -24.43 -34.63 -22.15
N THR D 163 -24.57 -33.69 -23.09
CA THR D 163 -23.58 -32.61 -23.34
C THR D 163 -23.32 -31.79 -22.08
N ASN D 164 -24.38 -31.29 -21.46
CA ASN D 164 -24.29 -30.41 -20.27
C ASN D 164 -24.53 -31.23 -18.99
N ALA D 165 -23.96 -32.43 -18.92
CA ALA D 165 -24.16 -33.33 -17.75
C ALA D 165 -23.61 -32.73 -16.46
N GLU D 166 -22.41 -32.12 -16.50
CA GLU D 166 -21.79 -31.57 -15.26
C GLU D 166 -22.40 -30.22 -14.90
N SER D 167 -23.35 -29.71 -15.70
CA SER D 167 -23.99 -28.41 -15.39
C SER D 167 -25.22 -28.64 -14.49
N LYS D 168 -25.61 -29.91 -14.30
CA LYS D 168 -26.73 -30.27 -13.41
C LYS D 168 -26.27 -29.97 -11.99
N VAL D 169 -26.89 -28.99 -11.34
CA VAL D 169 -26.47 -28.59 -9.96
C VAL D 169 -27.67 -28.46 -9.04
N THR D 170 -27.37 -28.18 -7.77
CA THR D 170 -28.39 -27.98 -6.70
C THR D 170 -28.11 -26.61 -6.08
N PHE D 171 -29.06 -25.68 -6.21
CA PHE D 171 -28.88 -24.32 -5.65
C PHE D 171 -30.15 -23.89 -4.92
N ASN D 172 -30.02 -22.84 -4.10
CA ASN D 172 -31.15 -22.25 -3.34
C ASN D 172 -31.06 -20.73 -3.52
N SER D 173 -31.82 -19.95 -2.74
CA SER D 173 -31.81 -18.47 -2.88
C SER D 173 -30.50 -17.87 -2.40
N THR D 174 -29.69 -18.61 -1.62
CA THR D 174 -28.40 -18.07 -1.10
C THR D 174 -27.25 -18.38 -2.08
N SER D 175 -27.55 -18.96 -3.25
CA SER D 175 -26.48 -19.29 -4.23
C SER D 175 -25.78 -18.00 -4.69
N THR D 176 -24.46 -18.09 -4.93
CA THR D 176 -23.65 -16.94 -5.43
C THR D 176 -23.27 -17.22 -6.89
N SER D 177 -23.23 -18.52 -7.27
CA SER D 177 -22.89 -18.94 -8.66
C SER D 177 -24.07 -18.68 -9.62
N VAL D 178 -25.29 -19.06 -9.23
CA VAL D 178 -26.49 -18.82 -10.09
C VAL D 178 -26.97 -17.37 -9.87
N PRO D 179 -27.00 -16.52 -10.91
CA PRO D 179 -27.45 -15.13 -10.77
C PRO D 179 -28.95 -15.00 -10.43
N THR D 180 -29.36 -13.86 -9.85
CA THR D 180 -30.77 -13.63 -9.45
C THR D 180 -31.72 -13.79 -10.64
N GLU D 181 -31.43 -13.15 -11.79
CA GLU D 181 -32.34 -13.29 -12.96
C GLU D 181 -32.60 -14.77 -13.25
N VAL D 182 -31.56 -15.59 -13.21
CA VAL D 182 -31.67 -17.06 -13.48
C VAL D 182 -32.52 -17.72 -12.39
N GLN D 183 -32.22 -17.46 -11.13
CA GLN D 183 -32.97 -18.06 -9.99
C GLN D 183 -34.47 -17.76 -10.15
N THR D 184 -34.83 -16.48 -10.34
CA THR D 184 -36.24 -16.04 -10.49
C THR D 184 -36.94 -16.88 -11.58
N ALA D 185 -36.34 -16.96 -12.77
CA ALA D 185 -36.96 -17.71 -13.89
C ALA D 185 -37.00 -19.21 -13.58
N ALA D 186 -36.05 -19.72 -12.79
CA ALA D 186 -35.98 -21.16 -12.46
C ALA D 186 -37.04 -21.56 -11.43
N PHE D 187 -37.32 -20.70 -10.44
CA PHE D 187 -38.33 -21.08 -9.42
C PHE D 187 -39.74 -21.06 -10.01
N LYS D 188 -39.90 -20.72 -11.29
CA LYS D 188 -41.24 -20.71 -11.96
C LYS D 188 -41.40 -21.98 -12.80
N LEU D 189 -40.33 -22.76 -12.98
CA LEU D 189 -40.38 -23.98 -13.83
C LEU D 189 -40.90 -25.19 -13.06
N LYS D 190 -41.53 -26.10 -13.79
CA LYS D 190 -42.05 -27.39 -13.25
C LYS D 190 -41.04 -28.45 -13.66
N ASN D 191 -40.99 -29.58 -12.97
CA ASN D 191 -40.00 -30.63 -13.32
C ASN D 191 -40.12 -30.97 -14.81
N GLY D 192 -38.98 -30.99 -15.51
CA GLY D 192 -38.95 -31.33 -16.95
C GLY D 192 -39.11 -30.13 -17.87
N GLU D 193 -39.49 -28.97 -17.32
CA GLU D 193 -39.67 -27.76 -18.16
C GLU D 193 -38.34 -27.04 -18.40
N PHE D 194 -38.21 -26.44 -19.60
CA PHE D 194 -37.05 -25.62 -20.01
C PHE D 194 -37.44 -24.15 -19.87
N SER D 195 -36.46 -23.29 -19.64
CA SER D 195 -36.73 -21.84 -19.50
C SER D 195 -36.45 -21.16 -20.84
N ASP D 196 -36.76 -19.87 -20.94
CA ASP D 196 -36.42 -19.10 -22.16
C ASP D 196 -34.96 -18.70 -21.99
N VAL D 197 -34.37 -18.04 -22.99
CA VAL D 197 -32.94 -17.62 -22.85
C VAL D 197 -32.93 -16.53 -21.78
N ILE D 198 -32.36 -16.83 -20.61
CA ILE D 198 -32.30 -15.85 -19.48
C ILE D 198 -31.09 -14.94 -19.69
N GLU D 199 -31.31 -13.62 -19.69
CA GLU D 199 -30.23 -12.62 -19.85
C GLU D 199 -29.81 -12.17 -18.45
N SER D 200 -28.51 -12.20 -18.14
CA SER D 200 -28.00 -11.80 -16.81
C SER D 200 -26.78 -10.89 -16.96
N THR D 201 -26.89 -9.67 -16.44
CA THR D 201 -25.79 -8.67 -16.50
C THR D 201 -25.08 -8.64 -15.15
N SER D 202 -23.75 -8.84 -15.15
CA SER D 202 -22.95 -8.81 -13.89
C SER D 202 -22.88 -7.37 -13.34
N SER D 203 -23.17 -7.21 -12.05
CA SER D 203 -23.18 -5.89 -11.38
C SER D 203 -21.75 -5.39 -11.16
N SER D 204 -20.80 -6.34 -10.99
CA SER D 204 -19.36 -5.99 -10.77
C SER D 204 -18.73 -5.53 -12.10
N THR D 205 -18.51 -6.48 -13.03
CA THR D 205 -17.84 -6.20 -14.33
C THR D 205 -18.75 -5.34 -15.22
N GLY D 206 -19.81 -5.95 -15.77
CA GLY D 206 -20.78 -5.29 -16.65
C GLY D 206 -21.06 -6.16 -17.88
N ALA D 207 -20.52 -7.38 -17.90
CA ALA D 207 -20.68 -8.36 -19.00
C ALA D 207 -22.08 -8.98 -18.96
N THR D 208 -22.53 -9.57 -20.09
CA THR D 208 -23.91 -10.14 -20.16
C THR D 208 -23.89 -11.59 -20.66
N SER D 209 -24.22 -12.54 -19.78
CA SER D 209 -24.28 -13.99 -20.14
C SER D 209 -25.71 -14.37 -20.53
N TYR D 210 -25.89 -15.53 -21.15
CA TYR D 210 -27.24 -16.00 -21.57
C TYR D 210 -27.42 -17.44 -21.07
N TYR D 211 -28.17 -17.59 -19.97
CA TYR D 211 -28.42 -18.89 -19.32
C TYR D 211 -29.66 -19.59 -19.88
N ILE D 212 -29.65 -20.93 -19.78
CA ILE D 212 -30.74 -21.87 -20.17
C ILE D 212 -30.90 -22.80 -18.97
N VAL D 213 -32.13 -22.93 -18.46
CA VAL D 213 -32.34 -23.80 -17.27
C VAL D 213 -33.35 -24.89 -17.58
N GLU D 214 -33.10 -26.09 -17.08
CA GLU D 214 -34.02 -27.25 -17.22
C GLU D 214 -34.25 -27.80 -15.83
N VAL D 216 -35.34 -30.22 -12.90
CA VAL D 216 -35.29 -31.66 -12.70
C VAL D 216 -36.11 -31.98 -11.44
N LYS D 217 -35.76 -31.31 -10.34
CA LYS D 217 -36.47 -31.47 -9.05
C LYS D 217 -36.69 -30.06 -8.49
N THR D 218 -37.93 -29.59 -8.55
CA THR D 218 -38.29 -28.24 -8.04
C THR D 218 -38.66 -28.36 -6.55
N SER D 219 -39.03 -27.24 -5.93
CA SER D 219 -39.42 -27.21 -4.50
C SER D 219 -40.14 -25.90 -4.19
N GLU D 220 -40.87 -25.88 -3.07
CA GLU D 220 -41.61 -24.70 -2.57
C GLU D 220 -41.27 -24.53 -1.10
N LYS D 221 -41.18 -23.29 -0.62
CA LYS D 221 -40.87 -23.06 0.83
C LYS D 221 -42.09 -23.46 1.66
N GLY D 222 -43.29 -23.25 1.11
CA GLY D 222 -44.54 -23.58 1.82
C GLY D 222 -44.99 -22.43 2.71
N THR D 223 -45.78 -22.75 3.74
CA THR D 223 -46.32 -21.73 4.68
C THR D 223 -45.66 -21.87 6.05
N ASP D 224 -44.88 -22.93 6.28
CA ASP D 224 -44.22 -23.12 7.61
C ASP D 224 -42.75 -22.76 7.50
N ASN D 226 -40.74 -22.62 10.06
CA ASN D 226 -40.01 -23.46 11.01
C ASN D 226 -39.44 -24.70 10.29
N LYS D 227 -40.03 -25.09 9.16
CA LYS D 227 -39.53 -26.29 8.42
C LYS D 227 -38.11 -26.01 7.93
N TYR D 228 -37.81 -24.75 7.62
CA TYR D 228 -36.48 -24.32 7.12
C TYR D 228 -35.79 -23.42 8.15
N LYS D 229 -35.94 -23.75 9.43
CA LYS D 229 -35.35 -22.97 10.55
C LYS D 229 -33.83 -23.04 10.48
N LYS D 230 -33.28 -24.26 10.38
CA LYS D 230 -31.80 -24.45 10.32
C LYS D 230 -31.23 -23.68 9.13
N GLU D 231 -31.87 -23.79 7.96
CA GLU D 231 -31.40 -23.10 6.72
C GLU D 231 -31.40 -21.58 6.92
N LEU D 232 -32.48 -21.04 7.49
CA LEU D 232 -32.62 -19.58 7.73
C LEU D 232 -31.59 -19.13 8.77
N GLN D 233 -31.31 -19.96 9.78
CA GLN D 233 -30.29 -19.59 10.81
C GLN D 233 -28.93 -19.44 10.10
N ASN D 234 -28.62 -20.34 9.15
CA ASN D 234 -27.35 -20.28 8.40
C ASN D 234 -27.36 -19.05 7.48
N VAL D 235 -28.54 -18.61 7.03
CA VAL D 235 -28.64 -17.38 6.17
C VAL D 235 -28.27 -16.18 7.05
N ILE D 236 -28.82 -16.14 8.27
CA ILE D 236 -28.56 -15.03 9.24
C ILE D 236 -27.08 -15.10 9.65
N LYS D 237 -26.55 -16.30 9.85
CA LYS D 237 -25.13 -16.48 10.27
C LYS D 237 -24.18 -15.89 9.23
N THR D 238 -24.28 -16.34 7.97
CA THR D 238 -23.36 -15.84 6.90
C THR D 238 -23.49 -14.31 6.72
N GLU D 239 -24.65 -13.73 7.01
CA GLU D 239 -24.83 -12.25 6.83
C GLU D 239 -24.16 -11.49 7.98
N LYS D 240 -24.42 -11.91 9.22
CA LYS D 240 -23.87 -11.23 10.44
C LYS D 240 -22.33 -11.30 10.46
N GLU D 241 -21.73 -12.40 10.00
CA GLU D 241 -20.24 -12.52 9.95
C GLU D 241 -19.64 -11.44 9.05
N GLN D 242 -20.38 -11.02 8.02
CA GLN D 242 -19.94 -10.01 7.01
C GLN D 242 -20.43 -8.60 7.37
N ASP D 243 -21.18 -8.45 8.46
CA ASP D 243 -21.68 -7.11 8.90
C ASP D 243 -20.63 -6.51 9.84
N THR D 244 -19.68 -5.74 9.29
CA THR D 244 -18.57 -5.13 10.07
C THR D 244 -19.14 -4.42 11.31
N THR D 245 -20.35 -3.84 11.21
CA THR D 245 -20.96 -3.14 12.37
C THR D 245 -21.20 -4.14 13.51
N PHE D 246 -21.72 -5.33 13.17
CA PHE D 246 -22.00 -6.37 14.19
C PHE D 246 -20.69 -6.87 14.82
N VAL D 247 -19.73 -7.26 13.97
CA VAL D 247 -18.42 -7.78 14.45
C VAL D 247 -17.79 -6.75 15.40
N SER D 248 -17.65 -5.49 14.95
CA SER D 248 -17.05 -4.44 15.81
C SER D 248 -17.80 -4.39 17.13
N GLY D 249 -19.12 -4.61 17.10
CA GLY D 249 -19.93 -4.61 18.33
C GLY D 249 -19.54 -5.76 19.24
N VAL D 250 -19.31 -6.94 18.64
CA VAL D 250 -18.91 -8.16 19.40
C VAL D 250 -17.57 -7.87 20.10
N ILE D 251 -16.61 -7.34 19.35
CA ILE D 251 -15.28 -7.01 19.93
C ILE D 251 -15.49 -6.05 21.10
N ALA D 252 -16.13 -4.91 20.85
CA ALA D 252 -16.41 -3.88 21.88
C ALA D 252 -16.96 -4.55 23.15
N LYS D 253 -17.82 -5.56 23.00
CA LYS D 253 -18.40 -6.26 24.19
C LYS D 253 -17.29 -6.95 25.00
N TYR D 254 -16.52 -7.83 24.35
CA TYR D 254 -15.45 -8.59 25.05
C TYR D 254 -14.36 -7.64 25.57
N LEU D 255 -14.17 -6.47 24.93
CA LEU D 255 -13.17 -5.49 25.44
C LEU D 255 -13.71 -4.95 26.75
N LYS D 256 -14.91 -4.39 26.72
CA LYS D 256 -15.61 -3.79 27.89
C LYS D 256 -15.76 -4.86 29.00
N LYS D 257 -16.01 -6.11 28.60
CA LYS D 257 -16.17 -7.24 29.55
C LYS D 257 -14.86 -7.50 30.33
N ASN D 258 -13.71 -7.43 29.65
CA ASN D 258 -12.40 -7.68 30.31
C ASN D 258 -11.76 -6.35 30.79
N ASN D 259 -12.52 -5.25 30.75
CA ASN D 259 -12.00 -3.92 31.17
C ASN D 259 -10.67 -3.61 30.48
N VAL D 260 -10.56 -3.92 29.18
CA VAL D 260 -9.30 -3.65 28.43
C VAL D 260 -9.05 -2.15 28.47
N THR D 261 -7.84 -1.74 28.90
CA THR D 261 -7.47 -0.31 29.01
C THR D 261 -6.07 -0.08 28.43
N VAL D 262 -5.89 0.98 27.64
CA VAL D 262 -4.55 1.32 27.08
C VAL D 262 -3.85 2.23 28.09
N LYS D 263 -2.77 1.78 28.73
CA LYS D 263 -2.03 2.64 29.70
C LYS D 263 -1.09 3.59 28.95
N GLU D 264 -0.49 3.13 27.85
CA GLU D 264 0.45 3.99 27.06
C GLU D 264 -0.39 4.96 26.22
N SER D 265 -0.42 6.24 26.61
CA SER D 265 -1.20 7.28 25.89
C SER D 265 -0.82 7.32 24.41
N ALA D 266 0.35 6.79 24.05
CA ALA D 266 0.81 6.80 22.64
C ALA D 266 -0.10 5.95 21.75
N PHE D 267 -0.82 4.98 22.33
CA PHE D 267 -1.73 4.10 21.54
C PHE D 267 -3.19 4.33 21.98
N ALA D 268 -3.45 5.42 22.69
CA ALA D 268 -4.79 5.79 23.19
C ALA D 268 -5.91 5.29 22.25
N SER D 269 -5.91 5.75 21.00
CA SER D 269 -6.94 5.36 19.99
C SER D 269 -6.62 4.01 19.34
N LEU D 270 -6.25 3.00 20.14
CA LEU D 270 -5.92 1.66 19.58
C LEU D 270 -7.22 0.95 19.16
N PHE D 271 -8.23 0.95 20.02
CA PHE D 271 -9.51 0.26 19.71
C PHE D 271 -10.59 1.30 19.38
N SER D 272 -10.22 2.44 18.78
CA SER D 272 -11.18 3.53 18.45
C SER D 272 -12.22 3.04 17.43
N GLN D 273 -11.83 2.15 16.51
CA GLN D 273 -12.77 1.64 15.47
C GLN D 273 -13.87 0.76 16.08
N PHE D 274 -13.67 0.26 17.31
CA PHE D 274 -14.71 -0.61 17.94
C PHE D 274 -15.48 0.15 19.05
N THR D 275 -14.79 1.00 19.83
CA THR D 275 -15.44 1.72 20.97
C THR D 275 -15.91 3.12 20.54
N GLN D 276 -16.08 3.40 19.24
CA GLN D 276 -16.53 4.77 18.84
C GLN D 276 -17.74 4.67 17.90
N THR D 277 -17.91 3.55 17.19
CA THR D 277 -19.05 3.37 16.26
C THR D 277 -19.96 2.25 16.76
#